data_2Z9U
#
_entry.id   2Z9U
#
_cell.length_a   68.545
_cell.length_b   68.545
_cell.length_c   311.635
_cell.angle_alpha   90.00
_cell.angle_beta   90.00
_cell.angle_gamma   90.00
#
_symmetry.space_group_name_H-M   'P 43 21 2'
#
loop_
_entity.id
_entity.type
_entity.pdbx_description
1 polymer 'Aspartate aminotransferase'
2 non-polymer 'SULFATE ION'
3 non-polymer GLYCEROL
4 water water
#
_entity_poly.entity_id   1
_entity_poly.type   'polypeptide(L)'
_entity_poly.pdbx_seq_one_letter_code
;MRYPEHADPVITLTAGPVNAYPEVLRGLGRTVLYDYDPAFQLLYEKVVDKAQKAMRLSNKPVILHGEPVLGLEAAAASLI
SPDDVVLNLASGVYGKGFGYWAKRYSPHLLEIEVPYNEAIDPQAVADMLKAHPEITVVSVCHHDTPSGTINPIDAIGALV
SAHGAYLIVDAVSSFGGMKTHPEDCKADIYVTGPNKCLGAPPGLTMMGVSERAWAKMKANPLAPRASMLSIVDWENAWSR
DKPFPFTPSVSEINGLDVALDLYLNEGPEAVWARHALTAKAMRAGVTAMGLSVWAASDSIASPTTTAVRTPDGVDEKALR
QAARARYGVVFSSGRGETLGKLTRIGHMGPTAQPIYAIAALTALGGAMNAAGRKLAIGKGIEAALAVIDADA
;
_entity_poly.pdbx_strand_id   A,B
#
loop_
_chem_comp.id
_chem_comp.type
_chem_comp.name
_chem_comp.formula
GOL non-polymer GLYCEROL 'C3 H8 O3'
SO4 non-polymer 'SULFATE ION' 'O4 S -2'
#
# COMPACT_ATOMS: atom_id res chain seq x y z
N MET A 1 26.38 29.53 -0.69
CA MET A 1 25.00 29.20 -1.09
C MET A 1 24.39 28.27 -0.06
N ARG A 2 23.05 28.28 -0.01
CA ARG A 2 22.29 27.39 0.87
C ARG A 2 21.16 26.75 0.06
N TYR A 3 20.81 25.51 0.39
CA TYR A 3 19.72 24.80 -0.26
C TYR A 3 18.49 24.95 0.62
N PRO A 4 17.41 25.50 0.07
CA PRO A 4 16.27 25.68 0.96
C PRO A 4 15.59 24.34 1.30
N GLU A 5 14.92 24.30 2.46
CA GLU A 5 14.26 23.11 2.94
C GLU A 5 13.09 22.65 2.08
N HIS A 6 12.41 23.60 1.40
CA HIS A 6 11.21 23.30 0.60
CA HIS A 6 11.20 23.27 0.64
C HIS A 6 11.54 22.66 -0.74
N ALA A 7 12.75 22.91 -1.22
CA ALA A 7 13.17 22.39 -2.52
C ALA A 7 13.90 21.05 -2.45
N ASP A 8 13.96 20.36 -3.57
CA ASP A 8 14.60 19.06 -3.65
C ASP A 8 16.07 19.15 -3.22
N PRO A 9 16.60 18.07 -2.63
CA PRO A 9 18.02 17.99 -2.28
C PRO A 9 18.82 17.63 -3.52
N VAL A 10 20.15 17.61 -3.42
CA VAL A 10 20.96 17.21 -4.55
C VAL A 10 21.15 15.70 -4.55
N ILE A 11 21.56 15.16 -3.39
CA ILE A 11 21.71 13.70 -3.22
C ILE A 11 21.07 13.18 -1.93
N THR A 12 20.13 12.23 -2.04
CA THR A 12 19.58 11.56 -0.86
C THR A 12 20.39 10.30 -0.49
N LEU A 13 21.07 10.35 0.65
CA LEU A 13 21.99 9.27 1.03
C LEU A 13 21.53 8.69 2.36
N THR A 14 20.21 8.52 2.48
CA THR A 14 19.55 8.05 3.70
C THR A 14 19.56 6.53 3.76
N ALA A 15 19.11 5.97 4.88
CA ALA A 15 18.87 4.54 5.02
C ALA A 15 17.47 4.11 4.47
N GLY A 16 16.93 4.89 3.55
CA GLY A 16 15.68 4.51 2.85
C GLY A 16 14.50 5.31 3.40
N PRO A 17 13.54 5.75 2.51
CA PRO A 17 13.60 5.71 1.02
C PRO A 17 14.79 6.52 0.50
N VAL A 18 15.36 6.07 -0.60
CA VAL A 18 16.30 6.85 -1.36
C VAL A 18 15.59 7.00 -2.70
N ASN A 19 16.09 7.86 -3.58
CA ASN A 19 15.46 7.97 -4.88
C ASN A 19 15.60 6.62 -5.53
N ALA A 20 14.53 6.15 -6.18
CA ALA A 20 14.50 4.85 -6.83
C ALA A 20 15.40 4.88 -8.05
N TYR A 21 15.85 3.70 -8.50
CA TYR A 21 16.55 3.59 -9.79
C TYR A 21 15.76 4.30 -10.89
N PRO A 22 16.46 4.99 -11.83
CA PRO A 22 15.68 5.73 -12.83
C PRO A 22 14.79 4.83 -13.69
N GLU A 23 15.24 3.61 -13.96
CA GLU A 23 14.41 2.64 -14.69
C GLU A 23 13.14 2.34 -13.90
N VAL A 24 13.25 2.31 -12.58
CA VAL A 24 12.08 1.99 -11.73
C VAL A 24 11.12 3.16 -11.76
N LEU A 25 11.65 4.39 -11.69
CA LEU A 25 10.76 5.58 -11.81
C LEU A 25 9.94 5.55 -13.08
N ARG A 26 10.54 5.12 -14.16
CA ARG A 26 9.87 5.02 -15.43
C ARG A 26 8.91 3.87 -15.44
N GLY A 27 9.33 2.74 -14.87
CA GLY A 27 8.47 1.54 -14.70
C GLY A 27 7.18 1.84 -13.93
N LEU A 28 7.26 2.70 -12.92
CA LEU A 28 6.09 3.12 -12.14
C LEU A 28 5.04 3.78 -13.02
N GLY A 29 5.47 4.37 -14.13
CA GLY A 29 4.59 5.01 -15.11
C GLY A 29 4.12 4.11 -16.24
N ARG A 30 4.38 2.81 -16.13
CA ARG A 30 3.82 1.88 -17.11
C ARG A 30 2.30 1.86 -17.13
N THR A 31 1.74 1.40 -18.24
CA THR A 31 0.28 1.28 -18.38
C THR A 31 -0.32 0.56 -17.17
N VAL A 32 -1.30 1.20 -16.52
CA VAL A 32 -2.05 0.55 -15.42
C VAL A 32 -3.17 -0.29 -16.03
N LEU A 33 -3.03 -1.61 -15.96
CA LEU A 33 -4.08 -2.48 -16.47
C LEU A 33 -5.16 -2.82 -15.43
N TYR A 34 -6.36 -3.19 -15.90
CA TYR A 34 -7.35 -3.86 -15.02
C TYR A 34 -6.68 -5.10 -14.41
N ASP A 35 -6.90 -5.37 -13.12
CA ASP A 35 -6.16 -6.48 -12.47
C ASP A 35 -6.67 -7.82 -12.92
N TYR A 36 -7.87 -7.85 -13.52
CA TYR A 36 -8.39 -9.08 -14.13
C TYR A 36 -8.22 -9.17 -15.64
N ASP A 37 -7.50 -8.21 -16.21
CA ASP A 37 -7.04 -8.28 -17.59
C ASP A 37 -6.04 -9.44 -17.69
N PRO A 38 -6.20 -10.30 -18.71
CA PRO A 38 -5.35 -11.48 -18.87
C PRO A 38 -3.85 -11.13 -18.95
N ALA A 39 -3.52 -9.97 -19.55
CA ALA A 39 -2.15 -9.49 -19.59
C ALA A 39 -1.57 -9.10 -18.22
N PHE A 40 -2.41 -8.53 -17.36
CA PHE A 40 -1.95 -8.24 -16.01
C PHE A 40 -1.80 -9.53 -15.21
N GLN A 41 -2.75 -10.46 -15.40
CA GLN A 41 -2.69 -11.73 -14.67
C GLN A 41 -1.40 -12.48 -15.00
N LEU A 42 -1.00 -12.41 -16.27
CA LEU A 42 0.28 -13.01 -16.70
C LEU A 42 1.47 -12.26 -16.08
N LEU A 43 1.46 -10.93 -16.21
CA LEU A 43 2.48 -10.09 -15.56
C LEU A 43 2.71 -10.41 -14.09
N TYR A 44 1.61 -10.45 -13.34
CA TYR A 44 1.66 -10.69 -11.89
C TYR A 44 2.32 -12.03 -11.62
N GLU A 45 1.88 -13.05 -12.35
CA GLU A 45 2.50 -14.36 -12.22
C GLU A 45 4.03 -14.31 -12.46
N LYS A 46 4.42 -13.56 -13.50
CA LYS A 46 5.83 -13.41 -13.86
CA LYS A 46 5.82 -13.41 -13.87
C LYS A 46 6.65 -12.67 -12.80
N VAL A 47 6.03 -11.67 -12.17
CA VAL A 47 6.69 -10.89 -11.13
C VAL A 47 6.92 -11.78 -9.92
N VAL A 48 5.93 -12.60 -9.54
CA VAL A 48 6.13 -13.61 -8.48
C VAL A 48 7.30 -14.57 -8.85
N ASP A 49 7.37 -15.02 -10.11
CA ASP A 49 8.48 -15.87 -10.57
CA ASP A 49 8.46 -15.87 -10.60
C ASP A 49 9.83 -15.19 -10.44
N LYS A 50 9.91 -13.91 -10.84
CA LYS A 50 11.15 -13.13 -10.68
C LYS A 50 11.53 -12.97 -9.21
N ALA A 51 10.54 -12.73 -8.35
CA ALA A 51 10.80 -12.63 -6.93
C ALA A 51 11.34 -13.99 -6.43
N GLN A 52 10.72 -15.08 -6.85
CA GLN A 52 11.19 -16.42 -6.41
C GLN A 52 12.67 -16.64 -6.78
N LYS A 53 13.00 -16.34 -8.02
CA LYS A 53 14.38 -16.49 -8.52
C LYS A 53 15.34 -15.58 -7.68
N ALA A 54 15.00 -14.31 -7.51
CA ALA A 54 15.83 -13.38 -6.73
C ALA A 54 16.02 -13.83 -5.29
N MET A 55 14.98 -14.41 -4.70
CA MET A 55 15.05 -14.85 -3.31
C MET A 55 15.60 -16.28 -3.15
N ARG A 56 16.01 -16.89 -4.28
CA ARG A 56 16.55 -18.25 -4.30
C ARG A 56 15.60 -19.27 -3.67
N LEU A 57 14.30 -19.08 -3.93
CA LEU A 57 13.26 -19.76 -3.17
C LEU A 57 12.82 -21.05 -3.86
N SER A 58 12.60 -22.10 -3.08
CA SER A 58 12.09 -23.36 -3.62
C SER A 58 10.59 -23.32 -3.88
N ASN A 59 9.88 -22.38 -3.25
CA ASN A 59 8.45 -22.26 -3.53
C ASN A 59 8.10 -20.81 -3.83
N LYS A 60 6.83 -20.49 -4.00
CA LYS A 60 6.49 -19.10 -4.39
C LYS A 60 6.55 -18.15 -3.19
N PRO A 61 7.25 -17.00 -3.35
CA PRO A 61 7.15 -15.99 -2.32
C PRO A 61 5.76 -15.37 -2.44
N VAL A 62 5.25 -14.79 -1.37
CA VAL A 62 3.96 -14.11 -1.40
C VAL A 62 4.21 -12.61 -1.50
N ILE A 63 3.55 -11.96 -2.45
CA ILE A 63 3.60 -10.50 -2.47
C ILE A 63 2.38 -9.98 -1.71
N LEU A 64 2.62 -9.14 -0.68
CA LEU A 64 1.53 -8.49 0.04
C LEU A 64 1.52 -7.02 -0.31
N HIS A 65 0.36 -6.38 -0.26
CA HIS A 65 0.19 -5.07 -0.88
C HIS A 65 0.17 -3.93 0.14
N GLY A 66 1.23 -3.88 0.93
CA GLY A 66 1.49 -2.79 1.85
C GLY A 66 3.00 -2.84 2.05
N GLU A 67 3.58 -1.78 2.60
CA GLU A 67 4.99 -1.80 2.87
C GLU A 67 5.30 -2.84 3.98
N PRO A 68 6.55 -3.34 4.06
CA PRO A 68 6.89 -4.54 4.84
C PRO A 68 6.43 -4.62 6.30
N VAL A 69 6.12 -3.50 6.94
CA VAL A 69 5.48 -3.60 8.27
C VAL A 69 4.22 -4.47 8.22
N LEU A 70 3.54 -4.48 7.09
CA LEU A 70 2.41 -5.43 6.88
C LEU A 70 2.87 -6.88 6.99
N GLY A 71 3.93 -7.26 6.31
CA GLY A 71 4.43 -8.64 6.39
C GLY A 71 4.85 -9.02 7.80
N LEU A 72 5.50 -8.09 8.50
CA LEU A 72 5.93 -8.33 9.88
C LEU A 72 4.76 -8.51 10.83
N GLU A 73 3.79 -7.60 10.80
CA GLU A 73 2.62 -7.76 11.67
C GLU A 73 1.84 -9.04 11.32
N ALA A 74 1.67 -9.30 10.02
CA ALA A 74 0.89 -10.43 9.56
C ALA A 74 1.58 -11.74 9.91
N ALA A 75 2.90 -11.74 9.88
CA ALA A 75 3.64 -12.96 10.24
C ALA A 75 3.36 -13.26 11.70
N ALA A 76 3.48 -12.25 12.58
CA ALA A 76 3.13 -12.45 13.99
C ALA A 76 1.69 -12.95 14.18
N ALA A 77 0.74 -12.35 13.46
CA ALA A 77 -0.70 -12.63 13.62
C ALA A 77 -1.08 -14.01 13.14
N SER A 78 -0.32 -14.52 12.17
CA SER A 78 -0.60 -15.79 11.54
C SER A 78 0.24 -16.97 12.14
N LEU A 79 1.51 -16.73 12.43
CA LEU A 79 2.42 -17.82 12.91
C LEU A 79 2.45 -18.03 14.42
N ILE A 80 2.13 -16.98 15.19
CA ILE A 80 2.16 -17.03 16.66
C ILE A 80 0.73 -17.24 17.16
N SER A 81 0.50 -18.42 17.74
CA SER A 81 -0.76 -18.81 18.38
C SER A 81 -0.66 -18.54 19.87
N PRO A 82 -1.80 -18.49 20.58
CA PRO A 82 -1.73 -18.20 22.01
C PRO A 82 -0.98 -19.25 22.83
N ASP A 83 -0.79 -20.46 22.30
CA ASP A 83 -0.05 -21.47 23.07
CA ASP A 83 -0.06 -21.50 23.04
C ASP A 83 1.43 -21.57 22.67
N ASP A 84 1.83 -20.77 21.68
CA ASP A 84 3.25 -20.71 21.32
C ASP A 84 4.10 -20.03 22.43
N VAL A 85 5.37 -20.41 22.54
CA VAL A 85 6.32 -19.72 23.40
C VAL A 85 7.34 -19.08 22.47
N VAL A 86 7.38 -17.76 22.47
CA VAL A 86 8.17 -17.00 21.47
C VAL A 86 9.43 -16.48 22.13
N LEU A 87 10.57 -16.65 21.44
CA LEU A 87 11.83 -16.03 21.88
C LEU A 87 12.16 -14.93 20.88
N ASN A 88 12.15 -13.70 21.34
CA ASN A 88 12.43 -12.56 20.49
C ASN A 88 13.86 -12.16 20.71
N LEU A 89 14.55 -11.86 19.62
CA LEU A 89 15.91 -11.35 19.70
C LEU A 89 15.95 -9.84 19.42
N ALA A 90 16.53 -9.08 20.34
CA ALA A 90 16.57 -7.62 20.23
C ALA A 90 17.98 -7.04 20.42
N SER A 91 18.51 -6.49 19.32
CA SER A 91 19.79 -5.81 19.28
C SER A 91 19.56 -4.37 18.80
N GLY A 92 18.29 -3.94 18.81
CA GLY A 92 17.96 -2.61 18.31
C GLY A 92 16.48 -2.30 18.29
N VAL A 93 16.17 -1.15 17.71
CA VAL A 93 14.82 -0.59 17.73
C VAL A 93 13.84 -1.55 17.08
N TYR A 94 14.17 -2.12 15.92
CA TYR A 94 13.17 -3.01 15.26
C TYR A 94 13.02 -4.36 15.91
N GLY A 95 14.15 -4.93 16.37
CA GLY A 95 14.13 -6.23 17.03
C GLY A 95 13.31 -6.18 18.31
N LYS A 96 13.56 -5.14 19.13
CA LYS A 96 12.81 -4.91 20.35
C LYS A 96 11.35 -4.71 20.00
N GLY A 97 11.11 -3.91 18.96
CA GLY A 97 9.75 -3.59 18.50
C GLY A 97 8.93 -4.81 18.13
N PHE A 98 9.58 -5.85 17.59
CA PHE A 98 8.82 -7.01 17.11
C PHE A 98 8.21 -7.75 18.30
N GLY A 99 8.91 -7.74 19.43
CA GLY A 99 8.42 -8.38 20.66
C GLY A 99 7.02 -7.91 21.08
N TYR A 100 6.66 -6.69 20.71
CA TYR A 100 5.33 -6.14 21.04
C TYR A 100 4.24 -6.83 20.22
N TRP A 101 4.55 -7.20 18.98
CA TRP A 101 3.60 -7.93 18.14
C TRP A 101 3.46 -9.39 18.59
N ALA A 102 4.58 -10.01 18.91
CA ALA A 102 4.59 -11.35 19.46
C ALA A 102 3.72 -11.37 20.71
N LYS A 103 3.95 -10.41 21.62
CA LYS A 103 3.14 -10.29 22.85
C LYS A 103 1.64 -10.10 22.56
N ARG A 104 1.32 -9.55 21.39
CA ARG A 104 -0.07 -9.40 20.98
C ARG A 104 -0.72 -10.74 20.69
N TYR A 105 0.06 -11.68 20.16
CA TYR A 105 -0.53 -12.95 19.73
C TYR A 105 -0.25 -14.13 20.65
N SER A 106 0.72 -14.00 21.55
CA SER A 106 0.94 -14.99 22.59
C SER A 106 1.40 -14.32 23.86
N PRO A 107 0.85 -14.76 25.02
CA PRO A 107 1.29 -14.20 26.29
C PRO A 107 2.69 -14.64 26.75
N HIS A 108 3.23 -15.65 26.08
CA HIS A 108 4.53 -16.28 26.46
C HIS A 108 5.68 -15.74 25.64
N LEU A 109 6.43 -14.84 26.24
CA LEU A 109 7.49 -14.17 25.54
C LEU A 109 8.81 -14.22 26.31
N LEU A 110 9.81 -14.81 25.68
CA LEU A 110 11.16 -14.76 26.20
C LEU A 110 11.95 -13.85 25.28
N GLU A 111 12.95 -13.15 25.81
CA GLU A 111 13.75 -12.24 25.02
C GLU A 111 15.23 -12.32 25.36
N ILE A 112 16.07 -12.22 24.34
CA ILE A 112 17.48 -11.90 24.51
C ILE A 112 17.65 -10.50 23.93
N GLU A 113 18.11 -9.58 24.77
CA GLU A 113 18.32 -8.20 24.39
C GLU A 113 19.79 -7.86 24.67
N VAL A 114 20.46 -7.22 23.70
CA VAL A 114 21.84 -6.73 23.85
C VAL A 114 21.85 -5.19 23.58
N PRO A 115 22.94 -4.50 23.97
CA PRO A 115 23.05 -3.05 23.68
C PRO A 115 22.80 -2.75 22.19
N TYR A 116 22.39 -1.52 21.89
CA TYR A 116 21.92 -1.18 20.54
C TYR A 116 23.02 -0.75 19.57
N ASN A 117 24.24 -1.21 19.81
CA ASN A 117 25.32 -1.16 18.86
C ASN A 117 26.02 -2.51 18.75
N GLU A 118 25.46 -3.54 19.40
CA GLU A 118 26.05 -4.88 19.37
C GLU A 118 25.15 -5.85 18.57
N ALA A 119 25.62 -7.07 18.36
CA ALA A 119 24.80 -8.09 17.68
C ALA A 119 24.45 -9.25 18.62
N ILE A 120 23.45 -10.02 18.22
CA ILE A 120 23.03 -11.19 18.98
C ILE A 120 24.11 -12.24 18.85
N ASP A 121 24.57 -12.82 19.97
CA ASP A 121 25.56 -13.93 19.97
C ASP A 121 24.80 -15.23 19.73
N PRO A 122 25.09 -15.94 18.62
CA PRO A 122 24.37 -17.21 18.38
C PRO A 122 24.48 -18.17 19.56
N GLN A 123 25.60 -18.11 20.28
CA GLN A 123 25.77 -18.95 21.43
C GLN A 123 24.75 -18.60 22.51
N ALA A 124 24.45 -17.31 22.69
CA ALA A 124 23.39 -16.93 23.68
C ALA A 124 22.04 -17.52 23.28
N VAL A 125 21.78 -17.61 21.98
CA VAL A 125 20.56 -18.19 21.45
C VAL A 125 20.56 -19.69 21.73
N ALA A 126 21.69 -20.36 21.49
CA ALA A 126 21.80 -21.77 21.77
C ALA A 126 21.53 -22.02 23.25
N ASP A 127 22.15 -21.22 24.12
CA ASP A 127 22.00 -21.34 25.57
C ASP A 127 20.53 -21.20 26.01
N MET A 128 19.85 -20.20 25.48
CA MET A 128 18.45 -19.94 25.78
C MET A 128 17.56 -21.10 25.31
N LEU A 129 17.79 -21.57 24.10
CA LEU A 129 17.00 -22.70 23.60
C LEU A 129 17.13 -23.95 24.45
N LYS A 130 18.35 -24.22 24.94
CA LYS A 130 18.58 -25.33 25.89
C LYS A 130 17.84 -25.11 27.21
N ALA A 131 17.91 -23.88 27.72
CA ALA A 131 17.25 -23.51 28.97
C ALA A 131 15.73 -23.52 28.84
N HIS A 132 15.25 -23.25 27.64
CA HIS A 132 13.82 -23.19 27.41
C HIS A 132 13.43 -24.05 26.22
N PRO A 133 13.33 -25.36 26.44
CA PRO A 133 12.93 -26.30 25.37
C PRO A 133 11.48 -26.10 24.89
N GLU A 134 10.66 -25.40 25.68
CA GLU A 134 9.26 -25.12 25.34
C GLU A 134 9.09 -24.06 24.21
N ILE A 135 10.16 -23.34 23.89
CA ILE A 135 10.20 -22.36 22.78
C ILE A 135 9.77 -22.96 21.45
N THR A 136 8.80 -22.30 20.81
CA THR A 136 8.28 -22.82 19.52
C THR A 136 8.50 -21.87 18.32
N VAL A 137 8.69 -20.59 18.61
CA VAL A 137 8.80 -19.59 17.57
C VAL A 137 9.93 -18.67 18.00
N VAL A 138 10.81 -18.34 17.05
CA VAL A 138 11.91 -17.38 17.32
C VAL A 138 11.90 -16.27 16.30
N SER A 139 11.98 -15.04 16.78
CA SER A 139 11.97 -13.90 15.85
C SER A 139 13.26 -13.10 15.95
N VAL A 140 13.74 -12.62 14.79
CA VAL A 140 15.03 -11.92 14.69
C VAL A 140 15.00 -10.84 13.58
N CYS A 141 15.74 -9.76 13.79
CA CYS A 141 15.93 -8.74 12.76
C CYS A 141 17.37 -8.86 12.25
N HIS A 142 17.53 -9.01 10.93
CA HIS A 142 18.84 -9.14 10.30
C HIS A 142 19.67 -7.87 10.35
N HIS A 143 19.15 -6.76 9.80
CA HIS A 143 19.82 -5.50 9.85
C HIS A 143 18.92 -4.55 10.64
N ASP A 144 19.28 -4.31 11.90
CA ASP A 144 18.48 -3.41 12.71
C ASP A 144 18.88 -2.01 12.33
N THR A 145 18.20 -1.51 11.30
CA THR A 145 18.67 -0.34 10.53
C THR A 145 19.05 0.92 11.36
N PRO A 146 18.24 1.29 12.37
CA PRO A 146 18.61 2.49 13.19
C PRO A 146 19.95 2.36 13.90
N SER A 147 20.52 1.16 13.88
CA SER A 147 21.83 0.90 14.49
C SER A 147 22.90 0.63 13.44
N GLY A 148 22.51 0.32 12.21
CA GLY A 148 23.51 -0.02 11.18
C GLY A 148 24.36 -1.27 11.51
N THR A 149 23.73 -2.23 12.21
CA THR A 149 24.36 -3.48 12.62
C THR A 149 23.63 -4.72 12.09
N ILE A 150 24.38 -5.82 11.98
CA ILE A 150 23.92 -7.09 11.42
C ILE A 150 23.98 -8.22 12.44
N ASN A 151 22.88 -8.98 12.53
CA ASN A 151 22.86 -10.22 13.30
C ASN A 151 23.20 -11.43 12.41
N PRO A 152 23.91 -12.44 12.99
CA PRO A 152 24.25 -13.66 12.26
C PRO A 152 23.03 -14.59 12.13
N ILE A 153 22.11 -14.23 11.24
CA ILE A 153 20.84 -14.94 11.13
C ILE A 153 20.95 -16.36 10.60
N ASP A 154 22.00 -16.65 9.82
CA ASP A 154 22.16 -18.00 9.28
C ASP A 154 22.52 -18.96 10.42
N ALA A 155 23.48 -18.56 11.26
CA ALA A 155 23.89 -19.35 12.43
C ALA A 155 22.78 -19.45 13.47
N ILE A 156 22.07 -18.33 13.70
CA ILE A 156 20.89 -18.34 14.54
C ILE A 156 19.82 -19.31 13.97
N GLY A 157 19.55 -19.21 12.67
CA GLY A 157 18.53 -20.03 12.01
C GLY A 157 18.82 -21.52 12.09
N ALA A 158 20.11 -21.89 11.99
CA ALA A 158 20.45 -23.32 12.09
C ALA A 158 20.13 -23.84 13.49
N LEU A 159 20.37 -23.02 14.50
CA LEU A 159 20.05 -23.39 15.90
C LEU A 159 18.54 -23.49 16.17
N VAL A 160 17.78 -22.54 15.63
CA VAL A 160 16.35 -22.54 15.78
C VAL A 160 15.77 -23.84 15.18
N SER A 161 16.26 -24.21 14.01
CA SER A 161 15.86 -25.42 13.30
C SER A 161 16.26 -26.64 14.13
N ALA A 162 17.47 -26.63 14.68
CA ALA A 162 17.95 -27.71 15.57
C ALA A 162 17.02 -27.99 16.75
N HIS A 163 16.34 -26.96 17.23
CA HIS A 163 15.43 -27.06 18.35
C HIS A 163 13.96 -27.19 17.93
N GLY A 164 13.74 -27.41 16.63
CA GLY A 164 12.41 -27.69 16.11
C GLY A 164 11.47 -26.48 16.09
N ALA A 165 12.03 -25.29 16.21
CA ALA A 165 11.24 -24.09 16.34
C ALA A 165 11.10 -23.35 14.99
N TYR A 166 10.10 -22.48 14.91
CA TYR A 166 9.85 -21.72 13.70
C TYR A 166 10.64 -20.44 13.74
N LEU A 167 11.12 -19.98 12.58
CA LEU A 167 11.91 -18.73 12.55
C LEU A 167 11.23 -17.66 11.72
N ILE A 168 11.07 -16.48 12.32
CA ILE A 168 10.63 -15.28 11.59
C ILE A 168 11.80 -14.33 11.43
N VAL A 169 12.05 -13.88 10.20
CA VAL A 169 13.13 -12.96 9.91
C VAL A 169 12.61 -11.68 9.29
N ASP A 170 13.05 -10.56 9.83
CA ASP A 170 12.90 -9.26 9.20
C ASP A 170 14.15 -9.00 8.39
N ALA A 171 14.06 -9.15 7.06
CA ALA A 171 15.21 -8.83 6.21
C ALA A 171 14.91 -7.61 5.33
N VAL A 172 14.08 -6.71 5.84
CA VAL A 172 13.64 -5.58 5.00
C VAL A 172 14.85 -4.77 4.49
N SER A 173 15.80 -4.50 5.39
CA SER A 173 16.87 -3.56 5.04
C SER A 173 18.17 -4.25 4.65
N SER A 174 18.10 -5.57 4.41
CA SER A 174 19.28 -6.35 4.08
C SER A 174 19.13 -7.10 2.76
N PHE A 175 17.96 -7.67 2.48
CA PHE A 175 17.84 -8.44 1.24
C PHE A 175 18.16 -7.55 0.00
N GLY A 176 18.99 -8.10 -0.89
CA GLY A 176 19.40 -7.42 -2.11
C GLY A 176 20.70 -6.61 -1.98
N GLY A 177 21.14 -6.33 -0.75
CA GLY A 177 22.39 -5.58 -0.51
C GLY A 177 23.53 -6.42 0.07
N MET A 178 23.23 -7.69 0.32
CA MET A 178 24.18 -8.65 0.87
C MET A 178 23.68 -10.06 0.63
N LYS A 179 24.55 -11.04 0.80
CA LYS A 179 24.10 -12.41 0.58
C LYS A 179 23.13 -12.86 1.69
N THR A 180 21.86 -12.99 1.34
CA THR A 180 20.84 -13.41 2.31
C THR A 180 19.58 -13.83 1.59
N HIS A 181 19.06 -14.99 2.00
CA HIS A 181 17.92 -15.59 1.37
C HIS A 181 17.15 -16.43 2.39
N PRO A 182 15.82 -16.58 2.19
CA PRO A 182 15.06 -17.39 3.16
C PRO A 182 15.72 -18.73 3.48
N GLU A 183 16.20 -19.45 2.46
CA GLU A 183 16.88 -20.77 2.59
CA GLU A 183 16.74 -20.75 2.78
C GLU A 183 18.13 -20.72 3.44
N ASP A 184 18.86 -19.62 3.30
CA ASP A 184 20.17 -19.45 3.93
C ASP A 184 20.07 -19.56 5.45
N CYS A 185 19.05 -18.92 6.01
CA CYS A 185 18.85 -18.92 7.44
C CYS A 185 17.78 -19.89 7.91
N LYS A 186 17.30 -20.77 7.04
CA LYS A 186 16.24 -21.70 7.41
C LYS A 186 14.98 -20.98 7.93
N ALA A 187 14.60 -19.88 7.28
CA ALA A 187 13.46 -19.05 7.78
C ALA A 187 12.13 -19.72 7.47
N ASP A 188 11.18 -19.59 8.39
CA ASP A 188 9.83 -20.05 8.11
C ASP A 188 8.98 -18.92 7.52
N ILE A 189 9.13 -17.72 8.08
CA ILE A 189 8.67 -16.50 7.42
C ILE A 189 9.82 -15.48 7.31
N TYR A 190 10.13 -15.09 6.07
CA TYR A 190 11.22 -14.17 5.76
C TYR A 190 10.60 -12.99 5.04
N VAL A 191 10.63 -11.85 5.73
CA VAL A 191 9.96 -10.65 5.30
C VAL A 191 10.98 -9.64 4.77
N THR A 192 10.79 -9.24 3.52
CA THR A 192 11.55 -8.15 2.95
C THR A 192 10.61 -7.33 2.06
N GLY A 193 11.19 -6.36 1.36
CA GLY A 193 10.47 -5.48 0.48
C GLY A 193 11.47 -4.85 -0.46
N PRO A 194 10.99 -4.23 -1.54
CA PRO A 194 11.90 -3.63 -2.53
C PRO A 194 12.28 -2.18 -2.18
N ASN A 195 11.82 -1.69 -1.03
CA ASN A 195 11.99 -0.26 -0.70
C ASN A 195 13.27 0.13 0.06
N LYS A 196 14.22 -0.80 0.15
CA LYS A 196 15.55 -0.49 0.69
C LYS A 196 16.63 -0.77 -0.38
N CYS A 197 17.36 -1.89 -0.29
CA CYS A 197 18.42 -2.17 -1.27
C CYS A 197 17.95 -2.39 -2.70
N LEU A 198 16.68 -2.69 -2.94
CA LEU A 198 16.25 -2.99 -4.32
C LEU A 198 15.89 -1.73 -5.12
N GLY A 199 15.86 -0.60 -4.42
CA GLY A 199 15.78 0.71 -5.08
C GLY A 199 14.42 0.97 -5.74
N ALA A 200 13.37 0.52 -5.07
CA ALA A 200 11.99 0.87 -5.43
C ALA A 200 11.34 1.62 -4.27
N PRO A 201 10.22 2.34 -4.53
CA PRO A 201 9.52 3.07 -3.45
C PRO A 201 8.71 2.14 -2.48
N PRO A 202 8.30 2.65 -1.31
CA PRO A 202 7.56 1.80 -0.40
C PRO A 202 6.18 1.44 -0.96
N GLY A 203 5.72 0.23 -0.68
CA GLY A 203 4.35 -0.15 -1.07
C GLY A 203 4.06 -1.64 -1.09
N LEU A 204 5.12 -2.45 -1.21
CA LEU A 204 4.97 -3.89 -1.32
C LEU A 204 5.86 -4.69 -0.36
N THR A 205 5.38 -5.89 -0.05
CA THR A 205 6.08 -6.88 0.77
C THR A 205 6.40 -8.11 -0.07
N MET A 206 7.59 -8.64 0.15
CA MET A 206 8.02 -9.89 -0.49
C MET A 206 8.29 -10.82 0.68
N MET A 207 7.55 -11.93 0.76
CA MET A 207 7.61 -12.79 1.91
C MET A 207 7.90 -14.24 1.51
N GLY A 208 9.01 -14.78 2.00
CA GLY A 208 9.26 -16.21 1.81
C GLY A 208 8.50 -16.99 2.90
N VAL A 209 7.86 -18.08 2.52
CA VAL A 209 7.04 -18.82 3.47
C VAL A 209 7.34 -20.29 3.26
N SER A 210 7.83 -20.95 4.32
CA SER A 210 8.17 -22.37 4.25
C SER A 210 6.90 -23.21 4.20
N GLU A 211 7.00 -24.40 3.61
CA GLU A 211 5.84 -25.31 3.57
C GLU A 211 5.35 -25.64 4.98
N ARG A 212 6.30 -25.80 5.90
CA ARG A 212 5.97 -25.97 7.33
C ARG A 212 5.16 -24.78 7.89
N ALA A 213 5.60 -23.56 7.58
CA ALA A 213 4.85 -22.35 8.00
C ALA A 213 3.46 -22.29 7.34
N TRP A 214 3.36 -22.65 6.07
CA TRP A 214 2.04 -22.72 5.43
C TRP A 214 1.07 -23.60 6.20
N ALA A 215 1.54 -24.80 6.57
CA ALA A 215 0.74 -25.77 7.31
C ALA A 215 0.29 -25.23 8.66
N LYS A 216 1.22 -24.63 9.41
CA LYS A 216 0.89 -24.02 10.68
C LYS A 216 -0.15 -22.90 10.57
N MET A 217 0.06 -21.95 9.65
CA MET A 217 -0.87 -20.81 9.55
C MET A 217 -2.26 -21.27 9.11
N LYS A 218 -2.29 -22.19 8.16
CA LYS A 218 -3.56 -22.69 7.62
CA LYS A 218 -3.55 -22.68 7.62
C LYS A 218 -4.39 -23.41 8.68
N ALA A 219 -3.71 -24.08 9.61
CA ALA A 219 -4.34 -24.77 10.74
C ALA A 219 -4.66 -23.84 11.92
N ASN A 220 -4.18 -22.59 11.87
CA ASN A 220 -4.46 -21.59 12.89
C ASN A 220 -5.78 -20.86 12.61
N PRO A 221 -6.84 -21.11 13.44
CA PRO A 221 -8.12 -20.45 13.11
C PRO A 221 -8.06 -18.94 13.40
N LEU A 222 -7.07 -18.49 14.18
CA LEU A 222 -6.89 -17.06 14.44
C LEU A 222 -6.05 -16.33 13.35
N ALA A 223 -5.42 -17.08 12.43
CA ALA A 223 -4.63 -16.42 11.37
C ALA A 223 -5.58 -15.49 10.62
N PRO A 224 -5.23 -14.19 10.43
CA PRO A 224 -6.13 -13.31 9.71
C PRO A 224 -6.59 -13.84 8.35
N ARG A 225 -7.90 -13.70 8.11
CA ARG A 225 -8.57 -14.07 6.87
C ARG A 225 -9.57 -12.97 6.59
N ALA A 226 -9.85 -12.69 5.31
CA ALA A 226 -10.69 -11.55 4.90
C ALA A 226 -10.22 -10.28 5.63
N SER A 227 -8.92 -10.01 5.45
CA SER A 227 -8.21 -8.99 6.20
C SER A 227 -6.98 -8.49 5.42
N MET A 228 -6.67 -7.22 5.57
CA MET A 228 -5.42 -6.67 5.02
C MET A 228 -4.23 -7.44 5.64
N LEU A 229 -4.42 -7.92 6.87
CA LEU A 229 -3.36 -8.71 7.52
C LEU A 229 -3.30 -10.18 7.10
N SER A 230 -4.09 -10.60 6.13
CA SER A 230 -4.10 -12.03 5.80
C SER A 230 -2.95 -12.42 4.88
N ILE A 231 -2.19 -13.45 5.28
CA ILE A 231 -1.23 -14.07 4.39
C ILE A 231 -1.89 -15.23 3.67
N VAL A 232 -2.64 -16.05 4.41
CA VAL A 232 -3.23 -17.27 3.84
C VAL A 232 -4.16 -16.97 2.67
N ASP A 233 -4.90 -15.86 2.73
CA ASP A 233 -5.77 -15.50 1.59
C ASP A 233 -5.01 -15.32 0.27
N TRP A 234 -3.76 -14.87 0.36
CA TRP A 234 -2.92 -14.66 -0.82
C TRP A 234 -2.22 -15.93 -1.37
N GLU A 235 -2.46 -17.08 -0.74
CA GLU A 235 -1.73 -18.33 -1.04
C GLU A 235 -1.57 -18.72 -2.53
N ASN A 236 -2.63 -18.54 -3.30
CA ASN A 236 -2.66 -18.92 -4.71
C ASN A 236 -2.80 -17.78 -5.70
N ALA A 237 -2.79 -16.56 -5.18
CA ALA A 237 -3.07 -15.35 -5.95
C ALA A 237 -2.00 -15.04 -6.99
N TRP A 238 -0.84 -15.68 -6.84
CA TRP A 238 0.24 -15.58 -7.83
C TRP A 238 -0.24 -16.11 -9.20
N SER A 239 -1.16 -17.06 -9.18
CA SER A 239 -1.57 -17.78 -10.40
C SER A 239 -2.51 -16.97 -11.28
N ARG A 240 -2.19 -16.91 -12.58
CA ARG A 240 -2.99 -16.18 -13.58
C ARG A 240 -4.42 -16.67 -13.65
N ASP A 241 -4.66 -17.86 -13.12
CA ASP A 241 -6.00 -18.47 -13.10
C ASP A 241 -6.76 -18.28 -11.77
N LYS A 242 -6.22 -17.46 -10.86
CA LYS A 242 -6.84 -17.27 -9.59
C LYS A 242 -7.13 -15.78 -9.34
N PRO A 243 -8.15 -15.49 -8.51
CA PRO A 243 -8.45 -14.10 -8.13
C PRO A 243 -7.44 -13.48 -7.14
N PHE A 244 -7.54 -12.17 -6.98
CA PHE A 244 -6.80 -11.44 -5.95
C PHE A 244 -7.75 -11.18 -4.83
N PRO A 245 -7.32 -11.43 -3.59
CA PRO A 245 -8.12 -11.09 -2.40
C PRO A 245 -8.70 -9.63 -2.43
N PHE A 246 -7.86 -8.65 -2.80
CA PHE A 246 -8.33 -7.29 -3.06
C PHE A 246 -7.43 -6.74 -4.16
N THR A 247 -7.70 -5.53 -4.64
CA THR A 247 -6.97 -4.99 -5.82
C THR A 247 -5.48 -4.78 -5.52
N PRO A 248 -4.59 -5.46 -6.25
CA PRO A 248 -3.14 -5.29 -6.06
C PRO A 248 -2.69 -3.88 -6.46
N SER A 249 -1.60 -3.39 -5.84
CA SER A 249 -1.05 -2.07 -6.20
C SER A 249 -0.36 -2.17 -7.56
N VAL A 250 -1.16 -1.99 -8.62
CA VAL A 250 -0.73 -2.23 -10.01
C VAL A 250 0.56 -1.42 -10.35
N SER A 251 0.61 -0.15 -9.99
CA SER A 251 1.80 0.64 -10.31
C SER A 251 3.03 0.15 -9.53
N GLU A 252 2.86 -0.19 -8.26
CA GLU A 252 3.99 -0.71 -7.46
C GLU A 252 4.48 -2.03 -8.03
N ILE A 253 3.55 -2.86 -8.53
CA ILE A 253 3.94 -4.07 -9.21
C ILE A 253 4.80 -3.80 -10.46
N ASN A 254 4.42 -2.80 -11.26
CA ASN A 254 5.23 -2.42 -12.43
C ASN A 254 6.64 -1.99 -12.03
N GLY A 255 6.73 -1.22 -10.94
CA GLY A 255 8.04 -0.80 -10.35
C GLY A 255 8.88 -1.99 -9.84
N LEU A 256 8.21 -2.92 -9.15
CA LEU A 256 8.88 -4.13 -8.68
C LEU A 256 9.39 -5.01 -9.84
N ASP A 257 8.60 -5.14 -10.88
CA ASP A 257 9.00 -5.89 -12.07
C ASP A 257 10.37 -5.38 -12.58
N VAL A 258 10.48 -4.06 -12.71
CA VAL A 258 11.73 -3.39 -13.14
C VAL A 258 12.86 -3.58 -12.10
N ALA A 259 12.55 -3.33 -10.83
CA ALA A 259 13.57 -3.48 -9.75
C ALA A 259 14.19 -4.87 -9.80
N LEU A 260 13.35 -5.89 -10.01
CA LEU A 260 13.84 -7.26 -10.02
C LEU A 260 14.71 -7.51 -11.27
N ASP A 261 14.27 -6.96 -12.41
CA ASP A 261 15.02 -7.07 -13.67
C ASP A 261 16.42 -6.56 -13.49
N LEU A 262 16.53 -5.40 -12.82
CA LEU A 262 17.81 -4.74 -12.64
C LEU A 262 18.72 -5.61 -11.81
N TYR A 263 18.17 -6.14 -10.72
CA TYR A 263 18.95 -6.95 -9.79
C TYR A 263 19.42 -8.23 -10.46
N LEU A 264 18.50 -8.95 -11.08
CA LEU A 264 18.87 -10.19 -11.76
C LEU A 264 19.85 -9.95 -12.90
N ASN A 265 19.64 -8.88 -13.65
CA ASN A 265 20.50 -8.57 -14.80
C ASN A 265 21.91 -8.12 -14.37
N GLU A 266 22.00 -7.30 -13.32
CA GLU A 266 23.35 -6.92 -12.85
C GLU A 266 24.11 -8.12 -12.31
N GLY A 267 23.38 -8.99 -11.62
CA GLY A 267 23.96 -10.18 -11.02
C GLY A 267 24.06 -9.92 -9.54
N PRO A 268 23.26 -10.64 -8.76
CA PRO A 268 23.17 -10.44 -7.31
C PRO A 268 24.51 -10.36 -6.59
N GLU A 269 25.45 -11.24 -6.92
CA GLU A 269 26.82 -11.17 -6.34
C GLU A 269 27.53 -9.86 -6.57
N ALA A 270 27.47 -9.34 -7.80
CA ALA A 270 28.04 -8.03 -8.14
C ALA A 270 27.36 -6.90 -7.36
N VAL A 271 26.05 -7.03 -7.18
CA VAL A 271 25.28 -6.04 -6.38
C VAL A 271 25.68 -6.05 -4.91
N TRP A 272 25.79 -7.24 -4.32
CA TRP A 272 26.25 -7.33 -2.92
C TRP A 272 27.62 -6.75 -2.77
N ALA A 273 28.48 -6.97 -3.77
CA ALA A 273 29.90 -6.56 -3.63
C ALA A 273 30.02 -5.07 -3.64
N ARG A 274 29.21 -4.39 -4.45
CA ARG A 274 29.27 -2.92 -4.46
C ARG A 274 28.68 -2.24 -3.22
N HIS A 275 27.64 -2.84 -2.64
CA HIS A 275 27.14 -2.38 -1.34
C HIS A 275 28.29 -2.48 -0.29
N ALA A 276 28.89 -3.67 -0.18
CA ALA A 276 29.91 -3.94 0.86
C ALA A 276 31.14 -3.04 0.71
N LEU A 277 31.57 -2.83 -0.54
CA LEU A 277 32.70 -1.94 -0.83
C LEU A 277 32.38 -0.47 -0.48
N THR A 278 31.21 0.00 -0.88
CA THR A 278 30.77 1.37 -0.51
C THR A 278 30.73 1.60 1.02
N ALA A 279 30.16 0.65 1.77
CA ALA A 279 30.13 0.76 3.24
C ALA A 279 31.57 0.66 3.84
N LYS A 280 32.37 -0.26 3.29
CA LYS A 280 33.75 -0.39 3.76
C LYS A 280 34.51 0.93 3.58
N ALA A 281 34.38 1.52 2.40
CA ALA A 281 35.04 2.79 2.12
C ALA A 281 34.55 3.86 3.09
N MET A 282 33.25 3.87 3.35
CA MET A 282 32.63 4.86 4.24
C MET A 282 33.19 4.73 5.66
N ARG A 283 33.15 3.53 6.20
CA ARG A 283 33.69 3.27 7.54
C ARG A 283 35.17 3.68 7.64
N ALA A 284 35.99 3.33 6.64
CA ALA A 284 37.40 3.76 6.62
C ALA A 284 37.52 5.28 6.62
N GLY A 285 36.70 5.97 5.84
CA GLY A 285 36.73 7.42 5.79
C GLY A 285 36.29 8.01 7.10
N VAL A 286 35.20 7.48 7.67
CA VAL A 286 34.72 7.91 8.98
C VAL A 286 35.85 7.84 10.05
N THR A 287 36.49 6.67 10.16
CA THR A 287 37.54 6.45 11.16
C THR A 287 38.75 7.36 10.92
N ALA A 288 39.18 7.45 9.67
CA ALA A 288 40.34 8.27 9.32
C ALA A 288 40.17 9.77 9.58
N MET A 289 38.95 10.30 9.42
CA MET A 289 38.74 11.71 9.71
C MET A 289 38.61 12.01 11.22
N GLY A 290 38.48 10.97 12.03
CA GLY A 290 38.39 11.17 13.49
C GLY A 290 37.02 10.99 14.07
N LEU A 291 36.12 10.34 13.33
CA LEU A 291 34.80 10.01 13.87
C LEU A 291 34.78 8.52 14.18
N SER A 292 33.72 8.04 14.87
CA SER A 292 33.56 6.62 15.18
C SER A 292 32.30 6.06 14.58
N VAL A 293 32.47 4.90 13.95
CA VAL A 293 31.37 4.04 13.55
C VAL A 293 30.68 3.58 14.84
N TRP A 294 29.35 3.59 14.80
CA TRP A 294 28.52 3.22 15.94
C TRP A 294 28.72 1.76 16.40
N ALA A 295 28.62 0.80 15.46
CA ALA A 295 28.72 -0.62 15.73
C ALA A 295 29.93 -0.95 16.61
N ALA A 296 29.75 -1.84 17.59
CA ALA A 296 30.80 -2.15 18.60
C ALA A 296 32.05 -2.78 17.99
N SER A 297 31.86 -3.40 16.83
CA SER A 297 32.99 -3.89 16.10
C SER A 297 32.69 -3.75 14.61
N ASP A 298 33.73 -3.67 13.81
CA ASP A 298 33.61 -3.55 12.37
C ASP A 298 32.94 -4.78 11.75
N SER A 299 33.14 -5.95 12.36
CA SER A 299 32.62 -7.20 11.80
C SER A 299 31.08 -7.29 11.79
N ILE A 300 30.40 -6.53 12.65
CA ILE A 300 28.95 -6.56 12.68
C ILE A 300 28.34 -5.32 11.98
N ALA A 301 29.20 -4.48 11.37
CA ALA A 301 28.73 -3.24 10.73
C ALA A 301 28.00 -3.57 9.43
N SER A 302 26.86 -2.92 9.19
CA SER A 302 26.08 -3.22 8.00
C SER A 302 26.75 -2.79 6.70
N PRO A 303 26.72 -3.66 5.69
CA PRO A 303 27.15 -3.22 4.34
C PRO A 303 26.11 -2.34 3.62
N THR A 304 24.95 -2.14 4.22
CA THR A 304 23.88 -1.37 3.57
C THR A 304 23.55 -0.05 4.31
N THR A 305 24.22 0.21 5.43
CA THR A 305 24.05 1.47 6.16
C THR A 305 25.22 1.66 7.07
N THR A 306 25.80 2.86 7.06
CA THR A 306 26.83 3.20 8.06
C THR A 306 26.25 4.18 9.07
N ALA A 307 26.27 3.79 10.35
CA ALA A 307 25.86 4.65 11.45
C ALA A 307 27.10 5.23 12.12
N VAL A 308 27.08 6.56 12.30
CA VAL A 308 28.23 7.31 12.82
C VAL A 308 27.81 7.98 14.11
N ARG A 309 28.54 7.64 15.18
CA ARG A 309 28.21 8.15 16.53
C ARG A 309 28.36 9.68 16.60
N THR A 310 27.38 10.38 17.18
CA THR A 310 27.46 11.83 17.30
C THR A 310 28.47 12.22 18.42
N PRO A 311 29.48 13.03 18.09
CA PRO A 311 30.41 13.51 19.12
C PRO A 311 29.67 14.32 20.21
N ASP A 312 30.20 14.33 21.44
CA ASP A 312 29.62 15.12 22.52
C ASP A 312 29.54 16.59 22.15
N GLY A 313 28.47 17.26 22.56
CA GLY A 313 28.34 18.69 22.28
C GLY A 313 27.83 18.99 20.88
N VAL A 314 27.62 17.95 20.06
CA VAL A 314 27.15 18.11 18.68
C VAL A 314 25.66 17.79 18.62
N ASP A 315 24.88 18.73 18.09
CA ASP A 315 23.45 18.56 17.91
C ASP A 315 23.33 17.76 16.60
N GLU A 316 22.87 16.51 16.71
CA GLU A 316 22.78 15.63 15.53
C GLU A 316 21.75 16.15 14.51
N LYS A 317 20.67 16.74 15.00
CA LYS A 317 19.66 17.27 14.12
C LYS A 317 20.18 18.47 13.38
N ALA A 318 20.79 19.44 14.09
CA ALA A 318 21.41 20.56 13.40
C ALA A 318 22.49 20.10 12.36
N LEU A 319 23.23 19.04 12.69
CA LEU A 319 24.21 18.46 11.76
C LEU A 319 23.60 18.04 10.44
N ARG A 320 22.49 17.30 10.51
CA ARG A 320 21.82 16.82 9.29
C ARG A 320 21.23 18.01 8.51
N GLN A 321 20.65 18.94 9.25
CA GLN A 321 20.15 20.14 8.62
C GLN A 321 21.28 20.85 7.88
N ALA A 322 22.47 20.94 8.52
CA ALA A 322 23.61 21.64 7.90
C ALA A 322 24.15 20.92 6.67
N ALA A 323 24.24 19.58 6.73
CA ALA A 323 24.68 18.80 5.56
C ALA A 323 23.77 19.04 4.35
N ARG A 324 22.46 19.13 4.61
CA ARG A 324 21.50 19.36 3.51
C ARG A 324 21.54 20.80 3.02
N ALA A 325 21.52 21.77 3.95
CA ALA A 325 21.52 23.20 3.59
C ALA A 325 22.83 23.63 2.93
N ARG A 326 23.97 23.13 3.41
CA ARG A 326 25.26 23.48 2.82
C ARG A 326 25.60 22.74 1.51
N TYR A 327 25.34 21.44 1.47
CA TYR A 327 25.89 20.57 0.42
C TYR A 327 24.81 19.81 -0.37
N GLY A 328 23.56 19.91 0.05
CA GLY A 328 22.47 19.27 -0.71
C GLY A 328 22.35 17.78 -0.47
N VAL A 329 23.00 17.32 0.60
CA VAL A 329 23.09 15.91 0.90
C VAL A 329 22.24 15.55 2.15
N VAL A 330 21.36 14.56 1.99
CA VAL A 330 20.42 14.14 3.02
C VAL A 330 20.90 12.82 3.69
N PHE A 331 20.99 12.84 5.02
CA PHE A 331 21.22 11.63 5.80
C PHE A 331 20.00 11.28 6.68
N SER A 332 19.96 10.05 7.21
CA SER A 332 18.91 9.69 8.17
C SER A 332 19.35 9.98 9.62
N SER A 333 18.37 10.38 10.43
CA SER A 333 18.46 10.36 11.88
C SER A 333 18.50 8.93 12.34
N GLY A 334 18.83 8.73 13.62
CA GLY A 334 18.44 7.48 14.28
C GLY A 334 16.92 7.36 14.46
N ARG A 335 16.52 6.32 15.21
CA ARG A 335 15.11 6.08 15.59
C ARG A 335 15.09 5.57 17.02
N GLY A 336 14.00 5.87 17.73
CA GLY A 336 13.84 5.44 19.09
C GLY A 336 15.09 5.78 19.89
N GLU A 337 15.68 4.76 20.51
CA GLU A 337 16.87 4.90 21.34
C GLU A 337 18.09 5.49 20.62
N THR A 338 18.19 5.34 19.30
CA THR A 338 19.38 5.91 18.63
C THR A 338 19.15 7.32 18.12
N LEU A 339 17.90 7.81 18.17
CA LEU A 339 17.60 9.20 17.79
C LEU A 339 18.41 10.17 18.64
N GLY A 340 19.18 11.02 17.95
CA GLY A 340 20.03 12.02 18.59
C GLY A 340 21.44 11.54 18.88
N LYS A 341 21.66 10.24 18.75
CA LYS A 341 22.93 9.66 19.18
CA LYS A 341 22.89 9.55 19.19
C LYS A 341 23.82 9.25 18.01
N LEU A 342 23.23 9.13 16.82
CA LEU A 342 24.01 8.82 15.64
C LEU A 342 23.36 9.42 14.38
N THR A 343 24.14 9.46 13.30
CA THR A 343 23.69 9.81 11.95
C THR A 343 23.86 8.58 11.03
N ARG A 344 22.92 8.39 10.11
CA ARG A 344 22.96 7.21 9.24
C ARG A 344 23.10 7.63 7.79
N ILE A 345 24.09 7.00 7.15
CA ILE A 345 24.30 7.07 5.68
C ILE A 345 23.94 5.72 5.04
N GLY A 346 22.87 5.68 4.23
CA GLY A 346 22.55 4.41 3.60
C GLY A 346 23.47 4.15 2.42
N HIS A 347 23.64 2.87 2.13
CA HIS A 347 24.27 2.40 0.90
C HIS A 347 23.29 1.37 0.37
N MET A 348 22.34 1.83 -0.43
CA MET A 348 21.20 1.00 -0.80
C MET A 348 20.84 1.15 -2.29
N GLY A 349 20.88 0.04 -3.03
CA GLY A 349 20.53 0.06 -4.44
C GLY A 349 21.33 1.12 -5.18
N PRO A 350 20.64 2.15 -5.71
CA PRO A 350 21.32 3.15 -6.54
C PRO A 350 22.31 4.02 -5.74
N THR A 351 22.16 4.10 -4.41
CA THR A 351 23.17 4.80 -3.64
C THR A 351 24.34 3.90 -3.22
N ALA A 352 24.31 2.63 -3.62
CA ALA A 352 25.39 1.73 -3.20
C ALA A 352 26.48 1.75 -4.26
N GLN A 353 27.10 2.93 -4.40
CA GLN A 353 28.22 3.13 -5.34
C GLN A 353 29.27 3.86 -4.57
N PRO A 354 30.54 3.36 -4.62
CA PRO A 354 31.57 3.97 -3.77
C PRO A 354 31.72 5.50 -3.89
N ILE A 355 31.53 6.09 -5.08
CA ILE A 355 31.61 7.56 -5.23
C ILE A 355 30.65 8.27 -4.27
N TYR A 356 29.54 7.62 -3.95
CA TYR A 356 28.57 8.26 -3.02
C TYR A 356 29.07 8.24 -1.58
N ALA A 357 29.91 7.26 -1.24
CA ALA A 357 30.59 7.30 0.08
C ALA A 357 31.49 8.53 0.16
N ILE A 358 32.18 8.85 -0.94
CA ILE A 358 33.01 10.05 -1.00
C ILE A 358 32.16 11.33 -0.80
N ALA A 359 31.04 11.41 -1.52
CA ALA A 359 30.15 12.54 -1.38
C ALA A 359 29.63 12.59 0.08
N ALA A 360 29.19 11.45 0.62
CA ALA A 360 28.70 11.41 2.01
C ALA A 360 29.73 11.89 3.03
N LEU A 361 30.98 11.40 2.89
CA LEU A 361 32.05 11.71 3.85
C LEU A 361 32.37 13.21 3.90
N THR A 362 32.35 13.82 2.72
CA THR A 362 32.65 15.24 2.55
C THR A 362 31.59 16.12 3.18
N ALA A 363 30.33 15.75 2.95
CA ALA A 363 29.18 16.48 3.50
C ALA A 363 29.14 16.31 5.02
N LEU A 364 29.39 15.08 5.48
CA LEU A 364 29.41 14.74 6.92
C LEU A 364 30.55 15.49 7.63
N GLY A 365 31.78 15.35 7.12
CA GLY A 365 32.92 16.16 7.56
C GLY A 365 32.63 17.64 7.58
N GLY A 366 32.18 18.18 6.45
CA GLY A 366 31.85 19.59 6.36
C GLY A 366 30.91 20.09 7.44
N ALA A 367 29.81 19.36 7.64
CA ALA A 367 28.82 19.74 8.64
C ALA A 367 29.38 19.60 10.05
N MET A 368 30.19 18.57 10.29
CA MET A 368 30.82 18.40 11.60
C MET A 368 31.70 19.60 11.93
N ASN A 369 32.47 20.04 10.94
CA ASN A 369 33.44 21.10 11.15
C ASN A 369 32.74 22.46 11.29
N ALA A 370 31.59 22.59 10.63
CA ALA A 370 30.71 23.72 10.82
C ALA A 370 30.21 23.76 12.27
N ALA A 371 30.08 22.58 12.89
CA ALA A 371 29.62 22.52 14.27
C ALA A 371 30.78 22.65 15.27
N GLY A 372 31.97 22.95 14.76
CA GLY A 372 33.09 23.27 15.62
C GLY A 372 34.06 22.12 15.82
N ARG A 373 33.77 20.95 15.22
CA ARG A 373 34.75 19.86 15.22
C ARG A 373 35.97 20.27 14.36
N LYS A 374 37.02 19.46 14.41
CA LYS A 374 38.22 19.74 13.63
C LYS A 374 38.68 18.42 13.01
N LEU A 375 37.81 17.89 12.15
CA LEU A 375 38.03 16.64 11.45
C LEU A 375 39.07 16.75 10.34
N ALA A 376 39.86 15.71 10.18
CA ALA A 376 40.83 15.60 9.11
C ALA A 376 40.12 15.09 7.86
N ILE A 377 39.36 15.96 7.18
CA ILE A 377 38.45 15.54 6.10
C ILE A 377 39.18 14.92 4.91
N GLY A 378 40.26 15.57 4.49
CA GLY A 378 41.15 15.04 3.45
C GLY A 378 41.63 13.64 3.71
N LYS A 379 42.10 13.40 4.93
CA LYS A 379 42.57 12.06 5.34
C LYS A 379 41.46 11.01 5.21
N GLY A 380 40.24 11.41 5.58
CA GLY A 380 39.03 10.58 5.41
C GLY A 380 38.78 10.19 3.97
N ILE A 381 38.72 11.17 3.06
CA ILE A 381 38.55 10.87 1.62
C ILE A 381 39.64 9.92 1.12
N GLU A 382 40.87 10.18 1.51
CA GLU A 382 42.01 9.35 1.07
C GLU A 382 41.90 7.89 1.55
N ALA A 383 41.43 7.72 2.79
CA ALA A 383 41.27 6.39 3.35
C ALA A 383 40.16 5.64 2.62
N ALA A 384 39.07 6.35 2.28
CA ALA A 384 37.96 5.72 1.56
C ALA A 384 38.41 5.33 0.15
N LEU A 385 39.11 6.25 -0.51
CA LEU A 385 39.66 6.00 -1.84
C LEU A 385 40.69 4.85 -1.82
N ALA A 386 41.56 4.79 -0.82
CA ALA A 386 42.46 3.65 -0.70
C ALA A 386 41.67 2.35 -0.63
N VAL A 387 40.57 2.34 0.11
CA VAL A 387 39.72 1.12 0.14
C VAL A 387 39.21 0.74 -1.27
N ILE A 388 38.80 1.77 -2.04
CA ILE A 388 38.20 1.53 -3.36
C ILE A 388 39.28 1.00 -4.32
N ASP A 389 40.40 1.71 -4.35
CA ASP A 389 41.57 1.30 -5.16
C ASP A 389 42.12 -0.08 -4.79
N ALA A 390 42.06 -0.45 -3.51
CA ALA A 390 42.57 -1.77 -3.09
C ALA A 390 41.74 -2.90 -3.69
N ASP A 391 40.48 -2.60 -3.99
CA ASP A 391 39.56 -3.58 -4.52
C ASP A 391 39.66 -3.63 -6.03
N ALA A 392 40.24 -2.62 -6.66
CA ALA A 392 40.22 -2.46 -8.13
C ALA A 392 40.92 -3.61 -8.86
N MET B 1 -8.62 -10.08 -37.60
CA MET B 1 -7.53 -9.91 -36.58
C MET B 1 -8.06 -10.26 -35.20
N ARG B 2 -7.13 -10.57 -34.28
CA ARG B 2 -7.45 -10.88 -32.91
C ARG B 2 -6.38 -10.30 -31.97
N TYR B 3 -6.78 -9.89 -30.76
CA TYR B 3 -5.84 -9.34 -29.78
C TYR B 3 -5.41 -10.45 -28.82
N PRO B 4 -4.09 -10.77 -28.79
CA PRO B 4 -3.57 -11.79 -27.88
C PRO B 4 -3.84 -11.41 -26.44
N GLU B 5 -4.09 -12.43 -25.63
CA GLU B 5 -4.35 -12.26 -24.19
C GLU B 5 -3.12 -11.76 -23.46
N HIS B 6 -1.94 -12.14 -23.97
CA HIS B 6 -0.68 -11.79 -23.28
C HIS B 6 -0.32 -10.35 -23.59
N ALA B 7 -0.79 -9.86 -24.74
CA ALA B 7 -0.53 -8.50 -25.20
C ALA B 7 -1.47 -7.50 -24.55
N ASP B 8 -0.97 -6.28 -24.38
CA ASP B 8 -1.75 -5.15 -23.87
C ASP B 8 -3.00 -4.86 -24.70
N PRO B 9 -4.10 -4.41 -24.07
CA PRO B 9 -5.33 -4.07 -24.82
C PRO B 9 -5.29 -2.65 -25.45
N VAL B 10 -6.33 -2.29 -26.21
CA VAL B 10 -6.38 -0.93 -26.81
C VAL B 10 -6.98 0.08 -25.85
N ILE B 11 -8.15 -0.26 -25.31
CA ILE B 11 -8.81 0.59 -24.32
C ILE B 11 -9.36 -0.22 -23.19
N THR B 12 -8.96 0.18 -21.98
CA THR B 12 -9.47 -0.41 -20.77
C THR B 12 -10.67 0.45 -20.32
N LEU B 13 -11.85 -0.14 -20.48
CA LEU B 13 -13.11 0.56 -20.13
C LEU B 13 -13.84 -0.16 -18.98
N THR B 14 -13.05 -0.57 -17.99
CA THR B 14 -13.55 -1.28 -16.82
C THR B 14 -14.07 -0.28 -15.75
N ALA B 15 -14.63 -0.82 -14.65
CA ALA B 15 -14.93 -0.04 -13.47
C ALA B 15 -13.74 0.03 -12.49
N GLY B 16 -12.50 -0.04 -12.98
CA GLY B 16 -11.31 0.17 -12.16
C GLY B 16 -10.57 -1.11 -11.75
N PRO B 17 -9.21 -1.12 -11.83
CA PRO B 17 -8.36 -0.08 -12.43
C PRO B 17 -8.65 0.21 -13.91
N VAL B 18 -8.48 1.47 -14.28
CA VAL B 18 -8.35 1.89 -15.67
C VAL B 18 -6.95 2.42 -15.75
N ASN B 19 -6.46 2.76 -16.94
CA ASN B 19 -5.17 3.37 -17.03
C ASN B 19 -5.20 4.74 -16.32
N ALA B 20 -4.15 5.09 -15.57
CA ALA B 20 -4.17 6.37 -14.83
C ALA B 20 -4.11 7.53 -15.81
N TYR B 21 -4.53 8.74 -15.40
CA TYR B 21 -4.29 9.90 -16.26
C TYR B 21 -2.79 9.90 -16.65
N PRO B 22 -2.45 10.27 -17.93
CA PRO B 22 -1.05 10.39 -18.34
C PRO B 22 -0.20 11.23 -17.39
N GLU B 23 -0.76 12.32 -16.87
CA GLU B 23 -0.03 13.18 -15.89
C GLU B 23 0.33 12.44 -14.61
N VAL B 24 -0.61 11.60 -14.18
CA VAL B 24 -0.44 10.77 -12.99
C VAL B 24 0.61 9.72 -13.24
N LEU B 25 0.60 9.08 -14.41
CA LEU B 25 1.70 8.14 -14.75
C LEU B 25 3.08 8.81 -14.64
N ARG B 26 3.17 10.06 -15.08
CA ARG B 26 4.46 10.79 -14.96
C ARG B 26 4.72 11.19 -13.53
N GLY B 27 3.66 11.63 -12.84
CA GLY B 27 3.75 12.01 -11.41
C GLY B 27 4.31 10.85 -10.60
N LEU B 28 3.89 9.63 -10.96
CA LEU B 28 4.38 8.40 -10.29
C LEU B 28 5.92 8.22 -10.32
N GLY B 29 6.53 8.87 -11.31
CA GLY B 29 7.97 8.79 -11.57
C GLY B 29 8.75 10.00 -11.08
N ARG B 30 8.09 10.86 -10.30
CA ARG B 30 8.79 11.94 -9.62
C ARG B 30 9.83 11.39 -8.64
N THR B 31 10.84 12.18 -8.36
CA THR B 31 11.82 11.94 -7.32
C THR B 31 11.24 11.33 -6.06
N VAL B 32 11.80 10.24 -5.60
CA VAL B 32 11.40 9.67 -4.37
C VAL B 32 12.29 10.21 -3.28
N LEU B 33 11.68 11.04 -2.45
CA LEU B 33 12.35 11.63 -1.32
C LEU B 33 12.33 10.72 -0.08
N TYR B 34 13.33 10.93 0.79
CA TYR B 34 13.32 10.44 2.14
C TYR B 34 12.08 11.00 2.81
N ASP B 35 11.36 10.15 3.54
CA ASP B 35 10.07 10.60 4.07
C ASP B 35 10.27 11.60 5.19
N TYR B 36 11.47 11.64 5.79
CA TYR B 36 11.73 12.66 6.81
C TYR B 36 12.53 13.84 6.24
N ASP B 37 12.70 13.88 4.92
CA ASP B 37 13.24 15.07 4.26
C ASP B 37 12.18 16.20 4.38
N PRO B 38 12.62 17.42 4.77
CA PRO B 38 11.72 18.55 4.93
C PRO B 38 10.84 18.85 3.70
N ALA B 39 11.36 18.64 2.48
CA ALA B 39 10.59 18.84 1.25
C ALA B 39 9.50 17.80 1.11
N PHE B 40 9.77 16.57 1.55
CA PHE B 40 8.70 15.56 1.56
C PHE B 40 7.68 15.86 2.66
N GLN B 41 8.15 16.23 3.84
CA GLN B 41 7.23 16.54 4.95
C GLN B 41 6.24 17.64 4.56
N LEU B 42 6.76 18.59 3.78
CA LEU B 42 5.98 19.73 3.33
C LEU B 42 5.04 19.27 2.23
N LEU B 43 5.54 18.49 1.27
CA LEU B 43 4.69 17.88 0.26
C LEU B 43 3.52 17.13 0.85
N TYR B 44 3.81 16.29 1.85
CA TYR B 44 2.79 15.39 2.41
C TYR B 44 1.66 16.21 3.04
N GLU B 45 2.03 17.23 3.80
CA GLU B 45 1.07 18.16 4.40
C GLU B 45 0.21 18.88 3.33
N LYS B 46 0.84 19.29 2.24
N LYS B 46 0.86 19.32 2.24
CA LYS B 46 0.11 20.00 1.20
CA LYS B 46 0.16 19.98 1.13
C LYS B 46 -0.76 19.06 0.34
C LYS B 46 -0.83 19.03 0.47
N VAL B 47 -0.43 17.77 0.31
CA VAL B 47 -1.29 16.75 -0.34
C VAL B 47 -2.54 16.52 0.55
N VAL B 48 -2.35 16.50 1.87
CA VAL B 48 -3.52 16.35 2.75
C VAL B 48 -4.42 17.58 2.62
N ASP B 49 -3.81 18.77 2.53
CA ASP B 49 -4.57 20.01 2.34
C ASP B 49 -5.34 20.03 1.02
N LYS B 50 -4.71 19.53 -0.06
CA LYS B 50 -5.41 19.32 -1.35
C LYS B 50 -6.57 18.36 -1.22
N ALA B 51 -6.34 17.25 -0.53
CA ALA B 51 -7.43 16.30 -0.29
C ALA B 51 -8.52 16.96 0.57
N GLN B 52 -8.11 17.76 1.57
CA GLN B 52 -9.07 18.42 2.40
C GLN B 52 -9.96 19.34 1.56
N LYS B 53 -9.33 20.14 0.71
CA LYS B 53 -10.06 21.01 -0.23
C LYS B 53 -10.99 20.20 -1.15
N ALA B 54 -10.48 19.14 -1.77
CA ALA B 54 -11.27 18.33 -2.69
C ALA B 54 -12.46 17.68 -2.01
N MET B 55 -12.29 17.31 -0.74
CA MET B 55 -13.37 16.65 -0.01
C MET B 55 -14.27 17.66 0.69
N ARG B 56 -14.02 18.95 0.49
CA ARG B 56 -14.78 20.03 1.15
C ARG B 56 -14.84 19.81 2.69
N LEU B 57 -13.74 19.33 3.25
CA LEU B 57 -13.71 18.93 4.65
C LEU B 57 -13.40 20.12 5.60
N SER B 58 -14.12 20.15 6.73
CA SER B 58 -13.85 21.10 7.81
C SER B 58 -12.57 20.74 8.61
N ASN B 59 -12.21 19.45 8.61
CA ASN B 59 -10.93 18.99 9.25
C ASN B 59 -10.08 18.13 8.30
N LYS B 60 -8.91 17.68 8.76
CA LYS B 60 -7.99 16.98 7.87
C LYS B 60 -8.52 15.58 7.54
N PRO B 61 -8.47 15.22 6.26
CA PRO B 61 -8.70 13.80 5.95
C PRO B 61 -7.43 13.04 6.30
N VAL B 62 -7.60 11.75 6.60
CA VAL B 62 -6.48 10.87 6.90
C VAL B 62 -6.13 10.11 5.62
N ILE B 63 -4.86 10.12 5.23
CA ILE B 63 -4.42 9.23 4.14
C ILE B 63 -3.84 8.00 4.83
N LEU B 64 -4.34 6.83 4.42
CA LEU B 64 -3.85 5.55 4.86
C LEU B 64 -3.18 4.84 3.68
N HIS B 65 -2.18 4.02 3.98
CA HIS B 65 -1.28 3.59 2.93
C HIS B 65 -1.55 2.20 2.47
N GLY B 66 -2.80 1.98 2.09
CA GLY B 66 -3.23 0.72 1.48
C GLY B 66 -4.42 1.09 0.66
N GLU B 67 -4.80 0.23 -0.27
CA GLU B 67 -5.92 0.55 -1.11
C GLU B 67 -7.20 0.52 -0.25
N PRO B 68 -8.29 1.18 -0.67
CA PRO B 68 -9.37 1.49 0.30
C PRO B 68 -10.07 0.34 1.05
N VAL B 69 -9.92 -0.93 0.64
CA VAL B 69 -10.35 -2.00 1.57
C VAL B 69 -9.70 -1.85 2.95
N LEU B 70 -8.50 -1.29 2.99
CA LEU B 70 -7.85 -1.01 4.29
C LEU B 70 -8.71 -0.04 5.08
N GLY B 71 -9.13 1.07 4.47
CA GLY B 71 -10.03 2.02 5.15
C GLY B 71 -11.31 1.38 5.67
N LEU B 72 -11.93 0.53 4.88
CA LEU B 72 -13.19 -0.10 5.25
C LEU B 72 -13.01 -1.03 6.44
N GLU B 73 -12.03 -1.94 6.34
CA GLU B 73 -11.70 -2.80 7.45
C GLU B 73 -11.25 -2.00 8.70
N ALA B 74 -10.39 -1.03 8.52
CA ALA B 74 -9.93 -0.21 9.66
C ALA B 74 -11.11 0.53 10.31
N ALA B 75 -12.06 1.02 9.50
CA ALA B 75 -13.23 1.75 10.03
C ALA B 75 -14.08 0.83 10.93
N ALA B 76 -14.39 -0.35 10.42
CA ALA B 76 -15.04 -1.38 11.23
C ALA B 76 -14.26 -1.66 12.52
N ALA B 77 -12.98 -1.99 12.37
CA ALA B 77 -12.15 -2.43 13.49
C ALA B 77 -12.04 -1.38 14.59
N SER B 78 -12.07 -0.11 14.21
CA SER B 78 -11.82 1.00 15.12
C SER B 78 -13.12 1.59 15.71
N LEU B 79 -14.17 1.68 14.89
CA LEU B 79 -15.38 2.39 15.31
C LEU B 79 -16.40 1.44 15.97
N ILE B 80 -16.50 0.21 15.46
CA ILE B 80 -17.49 -0.72 15.93
C ILE B 80 -16.90 -1.57 17.04
N SER B 81 -17.54 -1.53 18.21
CA SER B 81 -17.18 -2.39 19.31
C SER B 81 -18.40 -3.21 19.78
N PRO B 82 -18.18 -4.26 20.60
CA PRO B 82 -19.33 -5.15 20.85
C PRO B 82 -20.57 -4.53 21.56
N ASP B 83 -20.42 -3.33 22.13
CA ASP B 83 -21.53 -2.58 22.70
C ASP B 83 -22.43 -1.96 21.59
N ASP B 84 -21.90 -1.84 20.38
CA ASP B 84 -22.64 -1.19 19.29
C ASP B 84 -23.66 -2.15 18.71
N VAL B 85 -24.77 -1.59 18.26
CA VAL B 85 -25.69 -2.33 17.43
C VAL B 85 -25.53 -1.66 16.07
N VAL B 86 -25.18 -2.45 15.07
CA VAL B 86 -24.93 -1.95 13.73
C VAL B 86 -26.12 -2.22 12.81
N LEU B 87 -26.54 -1.18 12.09
CA LEU B 87 -27.46 -1.38 10.98
C LEU B 87 -26.67 -1.29 9.69
N ASN B 88 -26.49 -2.41 9.00
CA ASN B 88 -25.77 -2.36 7.74
C ASN B 88 -26.79 -2.31 6.61
N LEU B 89 -26.62 -1.39 5.67
CA LEU B 89 -27.48 -1.30 4.47
C LEU B 89 -26.79 -1.98 3.28
N ALA B 90 -27.49 -2.94 2.68
CA ALA B 90 -26.91 -3.74 1.62
C ALA B 90 -27.82 -3.72 0.39
N SER B 91 -27.38 -3.10 -0.70
CA SER B 91 -28.08 -3.14 -1.98
C SER B 91 -27.17 -3.78 -3.03
N GLY B 92 -26.05 -4.36 -2.59
CA GLY B 92 -25.12 -4.96 -3.53
C GLY B 92 -23.96 -5.63 -2.81
N VAL B 93 -22.96 -6.04 -3.58
CA VAL B 93 -21.81 -6.79 -3.09
C VAL B 93 -21.07 -6.09 -1.96
N TYR B 94 -20.71 -4.82 -2.15
CA TYR B 94 -19.93 -4.13 -1.11
C TYR B 94 -20.74 -3.82 0.13
N GLY B 95 -21.95 -3.31 -0.03
CA GLY B 95 -22.82 -3.16 1.15
C GLY B 95 -22.99 -4.45 1.98
N LYS B 96 -23.34 -5.56 1.32
CA LYS B 96 -23.45 -6.84 2.02
C LYS B 96 -22.13 -7.22 2.67
N GLY B 97 -21.05 -7.09 1.92
CA GLY B 97 -19.73 -7.43 2.42
C GLY B 97 -19.33 -6.65 3.66
N PHE B 98 -19.76 -5.38 3.78
CA PHE B 98 -19.37 -4.59 4.97
C PHE B 98 -19.96 -5.18 6.22
N GLY B 99 -21.17 -5.74 6.13
CA GLY B 99 -21.78 -6.40 7.27
C GLY B 99 -20.92 -7.51 7.87
N TYR B 100 -20.19 -8.25 7.04
CA TYR B 100 -19.27 -9.30 7.53
C TYR B 100 -18.16 -8.72 8.42
N TRP B 101 -17.57 -7.59 8.03
CA TRP B 101 -16.63 -6.93 8.93
C TRP B 101 -17.33 -6.37 10.15
N ALA B 102 -18.55 -5.83 9.96
CA ALA B 102 -19.30 -5.32 11.12
C ALA B 102 -19.48 -6.46 12.13
N LYS B 103 -19.95 -7.61 11.65
CA LYS B 103 -20.17 -8.78 12.50
C LYS B 103 -18.89 -9.32 13.19
N ARG B 104 -17.74 -9.09 12.58
CA ARG B 104 -16.45 -9.42 13.22
C ARG B 104 -16.21 -8.56 14.45
N TYR B 105 -16.72 -7.32 14.47
CA TYR B 105 -16.39 -6.41 15.58
C TYR B 105 -17.53 -6.10 16.57
N SER B 106 -18.74 -6.55 16.25
CA SER B 106 -19.88 -6.58 17.20
C SER B 106 -20.80 -7.71 16.80
N PRO B 107 -21.32 -8.50 17.76
CA PRO B 107 -22.26 -9.55 17.43
C PRO B 107 -23.68 -9.03 17.10
N HIS B 108 -23.92 -7.73 17.27
CA HIS B 108 -25.27 -7.20 17.02
C HIS B 108 -25.41 -6.51 15.67
N LEU B 109 -26.03 -7.21 14.73
CA LEU B 109 -26.13 -6.72 13.37
C LEU B 109 -27.57 -6.79 12.88
N LEU B 110 -28.08 -5.62 12.52
CA LEU B 110 -29.38 -5.45 11.85
CA LEU B 110 -29.37 -5.51 11.84
C LEU B 110 -29.05 -5.12 10.41
N GLU B 111 -29.90 -5.54 9.49
CA GLU B 111 -29.68 -5.19 8.09
C GLU B 111 -30.97 -4.85 7.37
N ILE B 112 -30.83 -3.92 6.41
CA ILE B 112 -31.83 -3.69 5.36
C ILE B 112 -31.17 -4.09 4.06
N GLU B 113 -31.78 -5.09 3.40
CA GLU B 113 -31.27 -5.63 2.18
C GLU B 113 -32.30 -5.50 1.04
N VAL B 114 -31.84 -5.11 -0.14
CA VAL B 114 -32.70 -5.10 -1.35
C VAL B 114 -31.97 -5.88 -2.43
N PRO B 115 -32.69 -6.39 -3.45
CA PRO B 115 -32.03 -7.06 -4.57
C PRO B 115 -30.92 -6.23 -5.19
N TYR B 116 -29.96 -6.86 -5.87
CA TYR B 116 -28.70 -6.16 -6.24
C TYR B 116 -28.80 -5.30 -7.50
N ASN B 117 -30.03 -4.93 -7.89
CA ASN B 117 -30.26 -3.91 -8.90
C ASN B 117 -31.07 -2.72 -8.34
N GLU B 118 -31.34 -2.72 -7.03
CA GLU B 118 -32.15 -1.66 -6.42
C GLU B 118 -31.31 -0.79 -5.49
N ALA B 119 -31.92 0.31 -5.04
CA ALA B 119 -31.29 1.10 -4.01
C ALA B 119 -32.06 0.99 -2.68
N ILE B 120 -31.38 1.25 -1.59
CA ILE B 120 -31.97 1.38 -0.28
C ILE B 120 -33.02 2.52 -0.27
N ASP B 121 -34.17 2.24 0.32
CA ASP B 121 -35.25 3.19 0.43
C ASP B 121 -35.09 4.00 1.73
N PRO B 122 -34.91 5.33 1.62
CA PRO B 122 -34.75 6.10 2.86
C PRO B 122 -35.88 5.96 3.87
N GLN B 123 -37.11 5.70 3.40
CA GLN B 123 -38.26 5.58 4.32
C GLN B 123 -38.11 4.30 5.14
N ALA B 124 -37.62 3.24 4.47
CA ALA B 124 -37.28 2.01 5.16
C ALA B 124 -36.21 2.25 6.25
N VAL B 125 -35.21 3.06 5.93
CA VAL B 125 -34.16 3.43 6.89
C VAL B 125 -34.76 4.20 8.11
N ALA B 126 -35.63 5.19 7.83
CA ALA B 126 -36.26 5.97 8.89
C ALA B 126 -37.08 5.02 9.77
N ASP B 127 -37.79 4.07 9.15
CA ASP B 127 -38.69 3.21 9.88
C ASP B 127 -37.86 2.30 10.78
N MET B 128 -36.76 1.81 10.22
CA MET B 128 -35.88 0.89 10.99
C MET B 128 -35.25 1.60 12.20
N LEU B 129 -34.71 2.79 12.00
CA LEU B 129 -34.16 3.54 13.09
C LEU B 129 -35.18 3.81 14.19
N LYS B 130 -36.41 4.12 13.79
CA LYS B 130 -37.44 4.45 14.81
C LYS B 130 -37.76 3.21 15.65
N ALA B 131 -37.84 2.06 14.97
CA ALA B 131 -38.19 0.79 15.60
C ALA B 131 -37.03 0.24 16.48
N HIS B 132 -35.80 0.76 16.27
CA HIS B 132 -34.64 0.24 16.97
C HIS B 132 -33.76 1.35 17.56
N PRO B 133 -34.19 1.97 18.69
CA PRO B 133 -33.38 3.05 19.30
C PRO B 133 -31.99 2.58 19.68
N GLU B 134 -31.81 1.26 19.79
CA GLU B 134 -30.53 0.70 20.20
C GLU B 134 -29.43 0.78 19.10
N ILE B 135 -29.81 1.05 17.87
CA ILE B 135 -28.82 1.22 16.78
C ILE B 135 -27.86 2.36 17.11
N THR B 136 -26.55 2.08 17.03
CA THR B 136 -25.55 3.14 17.29
C THR B 136 -24.63 3.41 16.09
N VAL B 137 -24.58 2.50 15.13
CA VAL B 137 -23.71 2.65 13.95
C VAL B 137 -24.46 2.20 12.72
N VAL B 138 -24.39 3.00 11.65
CA VAL B 138 -25.02 2.63 10.39
C VAL B 138 -23.96 2.64 9.27
N SER B 139 -23.95 1.59 8.43
CA SER B 139 -23.00 1.51 7.35
C SER B 139 -23.71 1.48 6.00
N VAL B 140 -23.10 2.11 4.99
CA VAL B 140 -23.82 2.24 3.72
C VAL B 140 -22.80 2.35 2.61
N CYS B 141 -23.10 1.83 1.44
CA CYS B 141 -22.20 2.02 0.31
C CYS B 141 -22.89 2.96 -0.69
N HIS B 142 -22.17 4.01 -1.12
CA HIS B 142 -22.75 5.02 -2.02
C HIS B 142 -23.00 4.45 -3.42
N HIS B 143 -21.92 3.99 -4.07
CA HIS B 143 -22.00 3.40 -5.40
C HIS B 143 -21.52 1.98 -5.22
N ASP B 144 -22.45 1.02 -5.27
CA ASP B 144 -22.11 -0.36 -5.09
C ASP B 144 -21.68 -0.91 -6.45
N THR B 145 -20.42 -0.65 -6.73
CA THR B 145 -19.86 -0.78 -8.09
C THR B 145 -20.28 -2.02 -8.90
N PRO B 146 -20.27 -3.22 -8.28
CA PRO B 146 -20.66 -4.41 -9.04
C PRO B 146 -22.12 -4.41 -9.56
N SER B 147 -22.95 -3.44 -9.15
CA SER B 147 -24.30 -3.31 -9.67
C SER B 147 -24.47 -2.00 -10.47
N GLY B 148 -23.47 -1.10 -10.40
CA GLY B 148 -23.58 0.22 -11.05
C GLY B 148 -24.81 1.02 -10.61
N THR B 149 -25.14 0.92 -9.32
CA THR B 149 -26.26 1.63 -8.72
C THR B 149 -25.86 2.58 -7.58
N ILE B 150 -26.71 3.57 -7.34
CA ILE B 150 -26.41 4.60 -6.32
C ILE B 150 -27.44 4.60 -5.20
N ASN B 151 -26.96 4.66 -3.94
CA ASN B 151 -27.82 4.90 -2.76
C ASN B 151 -27.90 6.38 -2.37
N PRO B 152 -29.07 6.79 -1.84
CA PRO B 152 -29.25 8.19 -1.45
C PRO B 152 -28.62 8.49 -0.10
N ILE B 153 -27.30 8.54 -0.07
CA ILE B 153 -26.59 8.60 1.19
C ILE B 153 -26.80 9.92 1.95
N ASP B 154 -27.09 11.01 1.24
CA ASP B 154 -27.31 12.31 1.93
C ASP B 154 -28.56 12.29 2.81
N ALA B 155 -29.68 11.81 2.24
CA ALA B 155 -30.95 11.64 2.98
C ALA B 155 -30.74 10.62 4.12
N ILE B 156 -30.14 9.48 3.81
CA ILE B 156 -29.77 8.47 4.81
C ILE B 156 -28.89 9.04 5.95
N GLY B 157 -27.81 9.73 5.59
CA GLY B 157 -26.93 10.36 6.58
C GLY B 157 -27.67 11.29 7.53
N ALA B 158 -28.65 12.03 7.00
CA ALA B 158 -29.42 12.94 7.82
C ALA B 158 -30.32 12.21 8.79
N LEU B 159 -30.94 11.11 8.33
CA LEU B 159 -31.80 10.27 9.18
C LEU B 159 -30.98 9.67 10.31
N VAL B 160 -29.78 9.22 9.92
CA VAL B 160 -28.86 8.56 10.85
C VAL B 160 -28.39 9.56 11.88
N SER B 161 -28.06 10.78 11.45
CA SER B 161 -27.66 11.84 12.38
C SER B 161 -28.78 12.21 13.38
N ALA B 162 -30.03 12.29 12.89
CA ALA B 162 -31.16 12.64 13.75
C ALA B 162 -31.32 11.55 14.81
N HIS B 163 -31.21 10.29 14.38
CA HIS B 163 -31.20 9.11 15.26
C HIS B 163 -30.18 9.22 16.38
N GLY B 164 -28.99 9.76 16.11
CA GLY B 164 -27.89 9.84 17.08
C GLY B 164 -26.77 8.81 16.85
N ALA B 165 -26.86 8.07 15.75
CA ALA B 165 -25.91 7.02 15.40
C ALA B 165 -24.73 7.55 14.57
N TYR B 166 -23.67 6.74 14.47
CA TYR B 166 -22.51 7.00 13.62
C TYR B 166 -22.76 6.45 12.21
N LEU B 167 -22.33 7.19 11.19
CA LEU B 167 -22.46 6.74 9.83
C LEU B 167 -21.08 6.41 9.25
N ILE B 168 -20.96 5.19 8.70
CA ILE B 168 -19.81 4.83 7.90
C ILE B 168 -20.21 4.72 6.45
N VAL B 169 -19.55 5.51 5.60
CA VAL B 169 -19.88 5.54 4.16
C VAL B 169 -18.68 5.06 3.33
N ASP B 170 -18.94 4.11 2.43
CA ASP B 170 -18.00 3.70 1.41
C ASP B 170 -18.29 4.52 0.13
N ALA B 171 -17.47 5.52 -0.17
CA ALA B 171 -17.64 6.31 -1.38
C ALA B 171 -16.44 6.07 -2.33
N VAL B 172 -15.86 4.87 -2.27
CA VAL B 172 -14.65 4.63 -3.09
C VAL B 172 -14.83 4.92 -4.60
N SER B 173 -15.96 4.47 -5.12
CA SER B 173 -16.16 4.47 -6.57
C SER B 173 -17.12 5.60 -6.99
N SER B 174 -17.43 6.50 -6.07
CA SER B 174 -18.25 7.64 -6.40
C SER B 174 -17.54 8.98 -6.26
N PHE B 175 -16.69 9.13 -5.21
CA PHE B 175 -16.03 10.40 -4.99
C PHE B 175 -15.19 10.84 -6.21
N GLY B 176 -15.25 12.12 -6.57
CA GLY B 176 -14.54 12.61 -7.75
C GLY B 176 -15.34 12.47 -9.05
N GLY B 177 -16.34 11.59 -9.08
CA GLY B 177 -17.11 11.37 -10.32
C GLY B 177 -18.56 11.84 -10.26
N MET B 178 -18.98 12.25 -9.06
CA MET B 178 -20.31 12.86 -8.86
C MET B 178 -20.23 13.72 -7.62
N LYS B 179 -21.23 14.59 -7.42
CA LYS B 179 -21.34 15.40 -6.18
C LYS B 179 -21.50 14.51 -4.94
N THR B 180 -20.43 14.38 -4.16
CA THR B 180 -20.52 13.74 -2.86
C THR B 180 -19.30 14.15 -2.03
N HIS B 181 -19.54 14.38 -0.73
CA HIS B 181 -18.51 14.83 0.22
C HIS B 181 -18.89 14.38 1.60
N PRO B 182 -17.90 14.17 2.49
CA PRO B 182 -18.25 13.75 3.87
C PRO B 182 -19.35 14.59 4.52
N GLU B 183 -19.29 15.91 4.44
N GLU B 183 -19.21 15.92 4.45
CA GLU B 183 -20.31 16.70 5.14
CA GLU B 183 -20.22 16.86 4.99
C GLU B 183 -21.63 16.89 4.38
C GLU B 183 -21.62 16.56 4.48
N ASP B 184 -21.72 16.33 3.18
CA ASP B 184 -23.00 16.26 2.49
C ASP B 184 -23.91 15.22 3.14
N CYS B 185 -23.32 14.12 3.61
CA CYS B 185 -24.08 13.01 4.11
C CYS B 185 -23.86 12.83 5.63
N LYS B 186 -23.30 13.84 6.31
CA LYS B 186 -23.05 13.75 7.75
C LYS B 186 -22.27 12.48 8.12
N ALA B 187 -21.25 12.17 7.34
CA ALA B 187 -20.50 10.92 7.54
C ALA B 187 -19.59 11.07 8.75
N ASP B 188 -19.52 10.03 9.57
CA ASP B 188 -18.57 9.99 10.64
C ASP B 188 -17.25 9.41 10.16
N ILE B 189 -17.34 8.34 9.37
CA ILE B 189 -16.22 7.84 8.59
CA ILE B 189 -16.21 7.86 8.59
C ILE B 189 -16.65 7.77 7.12
N TYR B 190 -15.94 8.50 6.27
CA TYR B 190 -16.17 8.52 4.83
C TYR B 190 -14.91 8.00 4.12
N VAL B 191 -15.00 6.80 3.54
CA VAL B 191 -13.83 6.14 2.93
C VAL B 191 -13.89 6.32 1.43
N THR B 192 -12.86 6.91 0.88
CA THR B 192 -12.70 6.89 -0.55
C THR B 192 -11.22 6.65 -0.88
N GLY B 193 -10.85 6.82 -2.15
CA GLY B 193 -9.48 6.54 -2.60
C GLY B 193 -9.36 7.15 -3.97
N PRO B 194 -8.13 7.30 -4.47
CA PRO B 194 -8.01 7.91 -5.79
C PRO B 194 -8.01 6.90 -6.92
N ASN B 195 -8.31 5.65 -6.62
CA ASN B 195 -8.09 4.56 -7.58
C ASN B 195 -9.28 4.28 -8.50
N LYS B 196 -10.32 5.11 -8.40
CA LYS B 196 -11.48 5.00 -9.31
C LYS B 196 -11.60 6.28 -10.12
N CYS B 197 -12.57 7.16 -9.81
CA CYS B 197 -12.79 8.38 -10.58
C CYS B 197 -11.63 9.39 -10.58
N LEU B 198 -10.74 9.35 -9.60
CA LEU B 198 -9.64 10.33 -9.59
C LEU B 198 -8.49 9.94 -10.53
N GLY B 199 -8.54 8.72 -11.07
CA GLY B 199 -7.64 8.31 -12.12
C GLY B 199 -6.20 8.07 -11.68
N ALA B 200 -6.01 7.60 -10.45
CA ALA B 200 -4.68 7.15 -9.97
C ALA B 200 -4.71 5.63 -9.78
N PRO B 201 -3.53 4.97 -9.65
CA PRO B 201 -3.58 3.52 -9.40
C PRO B 201 -4.03 3.17 -7.96
N PRO B 202 -4.25 1.86 -7.70
CA PRO B 202 -4.58 1.40 -6.35
C PRO B 202 -3.39 1.54 -5.43
N GLY B 203 -3.67 1.98 -4.21
CA GLY B 203 -2.70 1.83 -3.13
C GLY B 203 -2.81 2.81 -1.97
N LEU B 204 -3.68 3.83 -2.09
CA LEU B 204 -3.93 4.76 -0.98
C LEU B 204 -5.42 4.91 -0.66
N THR B 205 -5.69 5.36 0.57
CA THR B 205 -7.04 5.56 1.12
C THR B 205 -7.15 7.02 1.55
N MET B 206 -8.27 7.67 1.22
CA MET B 206 -8.54 9.02 1.66
C MET B 206 -9.77 8.93 2.56
N MET B 207 -9.63 9.30 3.82
CA MET B 207 -10.70 9.05 4.78
C MET B 207 -11.10 10.31 5.49
N GLY B 208 -12.38 10.69 5.40
CA GLY B 208 -12.89 11.78 6.23
C GLY B 208 -13.35 11.19 7.55
N VAL B 209 -12.97 11.83 8.65
CA VAL B 209 -13.24 11.34 10.00
C VAL B 209 -13.83 12.50 10.80
N SER B 210 -15.03 12.32 11.33
CA SER B 210 -15.63 13.36 12.18
C SER B 210 -14.96 13.43 13.54
N GLU B 211 -15.04 14.60 14.17
CA GLU B 211 -14.50 14.73 15.52
CA GLU B 211 -14.53 14.80 15.54
C GLU B 211 -15.09 13.70 16.50
N ARG B 212 -16.39 13.39 16.35
CA ARG B 212 -17.07 12.41 17.18
C ARG B 212 -16.52 11.00 16.96
N ALA B 213 -16.27 10.66 15.69
CA ALA B 213 -15.63 9.37 15.34
C ALA B 213 -14.22 9.29 15.99
N TRP B 214 -13.43 10.35 15.88
CA TRP B 214 -12.14 10.42 16.57
C TRP B 214 -12.25 10.03 18.04
N ALA B 215 -13.20 10.65 18.75
CA ALA B 215 -13.36 10.43 20.18
C ALA B 215 -13.78 8.98 20.45
N LYS B 216 -14.69 8.45 19.62
CA LYS B 216 -15.17 7.09 19.81
C LYS B 216 -14.02 6.15 19.55
N MET B 217 -13.38 6.25 18.38
CA MET B 217 -12.24 5.36 18.05
C MET B 217 -11.12 5.44 19.10
N LYS B 218 -10.71 6.65 19.49
CA LYS B 218 -9.62 6.81 20.48
C LYS B 218 -9.93 6.27 21.88
N ALA B 219 -11.21 6.20 22.21
CA ALA B 219 -11.65 5.63 23.47
C ALA B 219 -11.64 4.10 23.45
N ASN B 220 -11.89 3.51 22.27
CA ASN B 220 -12.12 2.06 22.14
C ASN B 220 -10.83 1.21 22.38
N PRO B 221 -10.75 0.40 23.45
CA PRO B 221 -9.55 -0.43 23.70
C PRO B 221 -9.27 -1.44 22.62
N LEU B 222 -10.31 -1.83 21.88
CA LEU B 222 -10.15 -2.80 20.80
C LEU B 222 -9.79 -2.17 19.45
N ALA B 223 -9.72 -0.85 19.36
CA ALA B 223 -9.30 -0.22 18.10
C ALA B 223 -7.83 -0.48 17.78
N PRO B 224 -7.53 -0.89 16.53
CA PRO B 224 -6.12 -1.17 16.16
C PRO B 224 -5.16 -0.02 16.44
N ARG B 225 -4.08 -0.37 17.14
CA ARG B 225 -2.96 0.56 17.41
CA ARG B 225 -2.97 0.56 17.38
C ARG B 225 -1.70 -0.20 17.08
N ALA B 226 -0.66 0.50 16.63
CA ALA B 226 0.58 -0.15 16.17
C ALA B 226 0.21 -1.28 15.20
N SER B 227 -0.56 -0.90 14.17
CA SER B 227 -1.13 -1.86 13.24
C SER B 227 -1.34 -1.18 11.91
N MET B 228 -1.23 -1.96 10.84
CA MET B 228 -1.60 -1.49 9.52
C MET B 228 -3.07 -1.08 9.52
N LEU B 229 -3.85 -1.69 10.41
CA LEU B 229 -5.27 -1.46 10.47
C LEU B 229 -5.64 -0.24 11.31
N SER B 230 -4.62 0.47 11.82
CA SER B 230 -4.81 1.62 12.72
C SER B 230 -5.12 2.97 12.02
N ILE B 231 -6.29 3.52 12.31
CA ILE B 231 -6.62 4.86 11.92
C ILE B 231 -6.02 5.80 12.96
N VAL B 232 -6.16 5.46 14.23
CA VAL B 232 -5.75 6.35 15.30
C VAL B 232 -4.28 6.69 15.28
N ASP B 233 -3.40 5.72 14.97
CA ASP B 233 -1.96 6.03 14.82
C ASP B 233 -1.66 7.21 13.85
N TRP B 234 -2.51 7.39 12.83
CA TRP B 234 -2.24 8.33 11.70
C TRP B 234 -2.86 9.73 11.87
N GLU B 235 -3.48 9.95 13.03
CA GLU B 235 -4.19 11.20 13.30
C GLU B 235 -3.37 12.46 13.03
N ASN B 236 -2.13 12.48 13.49
CA ASN B 236 -1.32 13.71 13.36
C ASN B 236 -0.27 13.68 12.25
N ALA B 237 -0.31 12.62 11.44
CA ALA B 237 0.71 12.40 10.44
C ALA B 237 0.68 13.38 9.26
N TRP B 238 -0.42 14.08 9.08
CA TRP B 238 -0.49 15.13 8.06
C TRP B 238 0.57 16.21 8.29
N SER B 239 0.93 16.45 9.54
CA SER B 239 1.79 17.60 9.89
C SER B 239 3.27 17.43 9.57
N ARG B 240 3.86 18.45 8.95
CA ARG B 240 5.28 18.39 8.56
C ARG B 240 6.20 18.20 9.77
N ASP B 241 5.67 18.51 10.96
CA ASP B 241 6.42 18.47 12.22
C ASP B 241 6.22 17.18 12.98
N LYS B 242 5.47 16.24 12.39
CA LYS B 242 5.16 14.93 12.99
C LYS B 242 5.72 13.76 12.18
N PRO B 243 6.04 12.65 12.88
CA PRO B 243 6.49 11.41 12.24
C PRO B 243 5.37 10.63 11.52
N PHE B 244 5.75 9.64 10.72
CA PHE B 244 4.81 8.71 10.12
C PHE B 244 4.86 7.42 10.92
N PRO B 245 3.69 6.82 11.19
CA PRO B 245 3.67 5.51 11.87
C PRO B 245 4.50 4.43 11.16
N PHE B 246 4.46 4.40 9.85
CA PHE B 246 5.36 3.55 9.08
C PHE B 246 5.61 4.29 7.77
N THR B 247 6.53 3.79 6.97
CA THR B 247 6.91 4.53 5.76
C THR B 247 5.76 4.72 4.75
N PRO B 248 5.41 6.00 4.44
CA PRO B 248 4.34 6.24 3.51
C PRO B 248 4.72 5.81 2.10
N SER B 249 3.72 5.53 1.27
CA SER B 249 4.00 5.17 -0.10
C SER B 249 4.35 6.38 -0.92
N VAL B 250 5.64 6.68 -0.97
CA VAL B 250 6.10 7.95 -1.53
C VAL B 250 5.66 8.17 -2.99
N SER B 251 5.79 7.17 -3.85
CA SER B 251 5.40 7.34 -5.26
C SER B 251 3.90 7.51 -5.41
N GLU B 252 3.15 6.77 -4.63
CA GLU B 252 1.68 6.91 -4.67
C GLU B 252 1.26 8.31 -4.22
N ILE B 253 1.99 8.87 -3.26
CA ILE B 253 1.68 10.23 -2.79
C ILE B 253 1.94 11.19 -3.93
N ASN B 254 3.02 10.98 -4.67
CA ASN B 254 3.33 11.77 -5.87
C ASN B 254 2.23 11.70 -6.92
N GLY B 255 1.71 10.50 -7.16
CA GLY B 255 0.58 10.30 -8.06
C GLY B 255 -0.68 11.01 -7.57
N LEU B 256 -0.99 10.85 -6.29
CA LEU B 256 -2.11 11.52 -5.68
C LEU B 256 -2.02 13.07 -5.74
N ASP B 257 -0.83 13.62 -5.52
CA ASP B 257 -0.61 15.06 -5.64
C ASP B 257 -1.10 15.53 -7.03
N VAL B 258 -0.69 14.82 -8.06
CA VAL B 258 -1.04 15.16 -9.43
C VAL B 258 -2.56 14.98 -9.66
N ALA B 259 -3.09 13.85 -9.21
CA ALA B 259 -4.53 13.56 -9.40
C ALA B 259 -5.41 14.66 -8.76
N LEU B 260 -5.07 15.05 -7.54
CA LEU B 260 -5.77 16.16 -6.88
C LEU B 260 -5.66 17.48 -7.68
N ASP B 261 -4.44 17.80 -8.15
CA ASP B 261 -4.21 19.00 -8.99
C ASP B 261 -5.13 19.01 -10.23
N LEU B 262 -5.20 17.86 -10.92
CA LEU B 262 -6.05 17.72 -12.10
C LEU B 262 -7.51 17.97 -11.82
N TYR B 263 -7.99 17.36 -10.75
CA TYR B 263 -9.37 17.48 -10.34
C TYR B 263 -9.71 18.91 -9.92
N LEU B 264 -8.94 19.47 -8.99
CA LEU B 264 -9.12 20.86 -8.59
C LEU B 264 -8.97 21.88 -9.72
N ASN B 265 -7.98 21.72 -10.60
CA ASN B 265 -7.83 22.63 -11.74
C ASN B 265 -8.93 22.53 -12.81
N GLU B 266 -9.36 21.32 -13.13
CA GLU B 266 -10.48 21.19 -14.06
C GLU B 266 -11.77 21.78 -13.46
N GLY B 267 -11.94 21.67 -12.13
CA GLY B 267 -13.18 22.11 -11.53
C GLY B 267 -14.09 20.92 -11.31
N PRO B 268 -14.29 20.56 -10.03
CA PRO B 268 -15.09 19.38 -9.64
C PRO B 268 -16.42 19.29 -10.34
N GLU B 269 -17.17 20.40 -10.37
CA GLU B 269 -18.48 20.34 -11.07
C GLU B 269 -18.39 19.92 -12.52
N ALA B 270 -17.36 20.42 -13.24
CA ALA B 270 -17.12 20.11 -14.66
C ALA B 270 -16.76 18.64 -14.82
N VAL B 271 -15.93 18.16 -13.90
CA VAL B 271 -15.59 16.74 -13.83
C VAL B 271 -16.82 15.90 -13.58
N TRP B 272 -17.66 16.27 -12.61
CA TRP B 272 -18.86 15.45 -12.39
C TRP B 272 -19.78 15.44 -13.65
N ALA B 273 -19.88 16.58 -14.33
CA ALA B 273 -20.72 16.71 -15.55
C ALA B 273 -20.30 15.74 -16.65
N ARG B 274 -18.99 15.62 -16.87
CA ARG B 274 -18.53 14.73 -17.94
C ARG B 274 -18.66 13.24 -17.59
N HIS B 275 -18.52 12.89 -16.30
CA HIS B 275 -18.88 11.48 -15.89
C HIS B 275 -20.40 11.28 -16.18
N ALA B 276 -21.25 12.16 -15.65
CA ALA B 276 -22.72 12.02 -15.88
C ALA B 276 -23.10 11.94 -17.36
N LEU B 277 -22.48 12.78 -18.19
CA LEU B 277 -22.81 12.83 -19.61
C LEU B 277 -22.38 11.54 -20.33
N THR B 278 -21.17 11.09 -19.99
CA THR B 278 -20.64 9.84 -20.56
C THR B 278 -21.56 8.70 -20.22
N ALA B 279 -22.00 8.64 -18.96
CA ALA B 279 -22.86 7.57 -18.51
C ALA B 279 -24.26 7.63 -19.13
N LYS B 280 -24.80 8.83 -19.19
CA LYS B 280 -26.12 9.09 -19.80
C LYS B 280 -26.11 8.65 -21.27
N ALA B 281 -25.09 9.04 -22.01
CA ALA B 281 -24.91 8.61 -23.38
C ALA B 281 -24.85 7.06 -23.47
N MET B 282 -24.07 6.45 -22.58
CA MET B 282 -23.94 4.96 -22.51
C MET B 282 -25.29 4.26 -22.32
N ARG B 283 -26.05 4.70 -21.32
CA ARG B 283 -27.35 4.10 -21.02
C ARG B 283 -28.30 4.24 -22.19
N ALA B 284 -28.32 5.42 -22.82
CA ALA B 284 -29.18 5.66 -23.97
C ALA B 284 -28.81 4.73 -25.13
N GLY B 285 -27.52 4.55 -25.38
CA GLY B 285 -27.09 3.64 -26.43
C GLY B 285 -27.42 2.17 -26.15
N VAL B 286 -27.22 1.76 -24.89
CA VAL B 286 -27.54 0.37 -24.45
C VAL B 286 -29.03 0.12 -24.72
N THR B 287 -29.89 1.02 -24.27
CA THR B 287 -31.32 0.83 -24.44
C THR B 287 -31.72 0.79 -25.93
N ALA B 288 -31.17 1.70 -26.73
CA ALA B 288 -31.54 1.80 -28.13
C ALA B 288 -31.13 0.60 -28.98
N MET B 289 -30.00 -0.03 -28.65
CA MET B 289 -29.59 -1.21 -29.43
C MET B 289 -30.36 -2.50 -29.07
N GLY B 290 -31.03 -2.48 -27.92
CA GLY B 290 -31.89 -3.58 -27.52
C GLY B 290 -31.43 -4.29 -26.24
N LEU B 291 -30.52 -3.66 -25.49
CA LEU B 291 -30.09 -4.21 -24.19
C LEU B 291 -30.77 -3.50 -23.04
N SER B 292 -30.59 -4.02 -21.83
CA SER B 292 -31.18 -3.46 -20.64
C SER B 292 -30.07 -3.07 -19.69
N VAL B 293 -30.16 -1.85 -19.19
CA VAL B 293 -29.39 -1.38 -18.04
C VAL B 293 -29.78 -2.18 -16.82
N TRP B 294 -28.80 -2.62 -16.04
CA TRP B 294 -29.09 -3.48 -14.87
C TRP B 294 -30.01 -2.76 -13.84
N ALA B 295 -29.69 -1.51 -13.56
CA ALA B 295 -30.36 -0.74 -12.51
C ALA B 295 -31.88 -0.90 -12.67
N ALA B 296 -32.58 -1.07 -11.55
CA ALA B 296 -34.06 -1.20 -11.53
C ALA B 296 -34.73 0.02 -12.16
N SER B 297 -34.10 1.18 -11.98
CA SER B 297 -34.58 2.40 -12.60
C SER B 297 -33.40 3.24 -13.07
N ASP B 298 -33.63 4.09 -14.07
CA ASP B 298 -32.61 5.01 -14.56
C ASP B 298 -32.13 5.98 -13.50
N SER B 299 -33.05 6.38 -12.63
CA SER B 299 -32.73 7.37 -11.58
C SER B 299 -31.66 6.94 -10.55
N ILE B 300 -31.43 5.63 -10.42
CA ILE B 300 -30.44 5.14 -9.45
C ILE B 300 -29.18 4.64 -10.12
N ALA B 301 -29.15 4.76 -11.45
CA ALA B 301 -28.02 4.26 -12.25
C ALA B 301 -26.82 5.17 -12.03
N SER B 302 -25.64 4.58 -11.89
CA SER B 302 -24.45 5.38 -11.54
C SER B 302 -23.91 6.19 -12.72
N PRO B 303 -23.49 7.44 -12.45
CA PRO B 303 -22.79 8.23 -13.49
C PRO B 303 -21.32 7.77 -13.67
N THR B 304 -20.84 6.82 -12.87
CA THR B 304 -19.46 6.35 -13.00
C THR B 304 -19.31 4.89 -13.41
N THR B 305 -20.43 4.21 -13.59
CA THR B 305 -20.38 2.87 -14.12
C THR B 305 -21.75 2.51 -14.68
N THR B 306 -21.75 1.93 -15.87
CA THR B 306 -22.99 1.41 -16.42
C THR B 306 -22.86 -0.11 -16.40
N ALA B 307 -23.76 -0.76 -15.68
CA ALA B 307 -23.89 -2.19 -15.70
C ALA B 307 -24.98 -2.56 -16.70
N VAL B 308 -24.65 -3.51 -17.55
CA VAL B 308 -25.57 -3.95 -18.61
C VAL B 308 -25.94 -5.42 -18.39
N ARG B 309 -27.23 -5.66 -18.22
CA ARG B 309 -27.73 -7.02 -17.94
C ARG B 309 -27.37 -7.98 -19.09
N THR B 310 -26.82 -9.13 -18.74
CA THR B 310 -26.52 -10.14 -19.73
C THR B 310 -27.84 -10.72 -20.27
N PRO B 311 -28.05 -10.73 -21.60
CA PRO B 311 -29.26 -11.41 -22.06
C PRO B 311 -29.28 -12.83 -21.54
N ASP B 312 -30.44 -13.29 -21.10
CA ASP B 312 -30.57 -14.70 -20.67
C ASP B 312 -30.00 -15.59 -21.76
N GLY B 313 -29.15 -16.54 -21.43
CA GLY B 313 -28.70 -17.37 -22.55
C GLY B 313 -27.31 -17.01 -23.05
N VAL B 314 -26.92 -15.74 -22.92
CA VAL B 314 -25.60 -15.31 -23.34
C VAL B 314 -24.59 -15.65 -22.26
N ASP B 315 -23.45 -16.16 -22.66
CA ASP B 315 -22.33 -16.44 -21.73
C ASP B 315 -21.53 -15.14 -21.46
N GLU B 316 -21.71 -14.53 -20.29
CA GLU B 316 -21.13 -13.19 -20.04
C GLU B 316 -19.60 -13.20 -20.07
N LYS B 317 -19.00 -14.26 -19.54
CA LYS B 317 -17.54 -14.35 -19.57
C LYS B 317 -17.02 -14.37 -21.00
N ALA B 318 -17.60 -15.23 -21.85
CA ALA B 318 -17.17 -15.35 -23.26
C ALA B 318 -17.35 -14.02 -23.98
N LEU B 319 -18.40 -13.31 -23.61
CA LEU B 319 -18.70 -12.00 -24.20
C LEU B 319 -17.55 -11.00 -23.95
N ARG B 320 -17.14 -10.88 -22.69
CA ARG B 320 -16.03 -9.97 -22.30
C ARG B 320 -14.74 -10.38 -22.98
N GLN B 321 -14.49 -11.69 -22.98
CA GLN B 321 -13.34 -12.22 -23.69
C GLN B 321 -13.39 -11.86 -25.18
N ALA B 322 -14.57 -11.99 -25.80
CA ALA B 322 -14.77 -11.56 -27.20
C ALA B 322 -14.59 -10.05 -27.42
N ALA B 323 -15.09 -9.22 -26.51
CA ALA B 323 -14.90 -7.78 -26.70
C ALA B 323 -13.41 -7.38 -26.73
N ARG B 324 -12.60 -8.05 -25.92
CA ARG B 324 -11.15 -7.79 -25.91
C ARG B 324 -10.42 -8.42 -27.11
N ALA B 325 -10.74 -9.66 -27.46
CA ALA B 325 -10.06 -10.35 -28.55
C ALA B 325 -10.42 -9.72 -29.91
N ARG B 326 -11.66 -9.27 -30.05
CA ARG B 326 -12.07 -8.69 -31.32
C ARG B 326 -11.75 -7.22 -31.45
N TYR B 327 -11.98 -6.46 -30.38
CA TYR B 327 -11.95 -5.00 -30.47
C TYR B 327 -10.86 -4.34 -29.62
N GLY B 328 -10.20 -5.12 -28.76
CA GLY B 328 -9.15 -4.58 -27.88
C GLY B 328 -9.73 -3.74 -26.73
N VAL B 329 -11.00 -3.99 -26.39
CA VAL B 329 -11.68 -3.18 -25.40
C VAL B 329 -12.02 -4.05 -24.20
N VAL B 330 -11.65 -3.58 -23.01
CA VAL B 330 -11.74 -4.39 -21.81
C VAL B 330 -12.86 -3.85 -20.92
N PHE B 331 -13.81 -4.73 -20.58
CA PHE B 331 -14.88 -4.44 -19.61
C PHE B 331 -14.67 -5.18 -18.30
N SER B 332 -15.36 -4.76 -17.23
CA SER B 332 -15.32 -5.47 -15.95
C SER B 332 -16.43 -6.55 -15.91
N SER B 333 -16.14 -7.69 -15.31
CA SER B 333 -17.19 -8.64 -14.93
C SER B 333 -17.93 -8.04 -13.77
N GLY B 334 -19.05 -8.65 -13.41
CA GLY B 334 -19.68 -8.41 -12.12
C GLY B 334 -18.82 -9.03 -11.01
N ARG B 335 -19.31 -8.98 -9.77
CA ARG B 335 -18.54 -9.52 -8.63
C ARG B 335 -19.53 -10.20 -7.70
N GLY B 336 -19.11 -11.29 -7.06
CA GLY B 336 -19.97 -11.97 -6.09
C GLY B 336 -21.30 -12.31 -6.74
N GLU B 337 -22.40 -11.83 -6.16
CA GLU B 337 -23.73 -12.15 -6.69
C GLU B 337 -24.11 -11.46 -8.01
N THR B 338 -23.28 -10.57 -8.56
CA THR B 338 -23.51 -10.02 -9.93
C THR B 338 -22.66 -10.69 -11.03
N LEU B 339 -21.73 -11.56 -10.59
CA LEU B 339 -20.88 -12.27 -11.53
C LEU B 339 -21.74 -13.18 -12.40
N GLY B 340 -21.54 -13.09 -13.71
CA GLY B 340 -22.38 -13.78 -14.69
C GLY B 340 -23.69 -13.09 -15.06
N LYS B 341 -24.10 -12.07 -14.29
CA LYS B 341 -25.43 -11.43 -14.46
C LYS B 341 -25.44 -10.18 -15.35
N LEU B 342 -24.26 -9.55 -15.47
CA LEU B 342 -24.12 -8.23 -16.09
C LEU B 342 -22.67 -8.00 -16.50
N THR B 343 -22.49 -7.06 -17.42
CA THR B 343 -21.16 -6.57 -17.80
C THR B 343 -21.05 -5.11 -17.33
N ARG B 344 -19.86 -4.67 -16.93
CA ARG B 344 -19.73 -3.31 -16.43
C ARG B 344 -18.79 -2.47 -17.30
N ILE B 345 -19.24 -1.26 -17.64
CA ILE B 345 -18.42 -0.32 -18.35
C ILE B 345 -18.22 0.88 -17.44
N GLY B 346 -16.97 1.10 -17.02
CA GLY B 346 -16.65 2.21 -16.14
C GLY B 346 -16.61 3.51 -16.95
N HIS B 347 -17.05 4.59 -16.30
CA HIS B 347 -16.85 5.96 -16.77
C HIS B 347 -16.14 6.65 -15.60
N MET B 348 -14.81 6.57 -15.57
CA MET B 348 -14.05 6.99 -14.41
C MET B 348 -12.85 7.79 -14.78
N GLY B 349 -12.78 9.02 -14.28
CA GLY B 349 -11.66 9.91 -14.56
C GLY B 349 -11.28 9.97 -16.03
N PRO B 350 -10.10 9.43 -16.39
CA PRO B 350 -9.69 9.57 -17.80
C PRO B 350 -10.68 8.91 -18.78
N THR B 351 -11.47 7.92 -18.33
CA THR B 351 -12.40 7.25 -19.27
C THR B 351 -13.77 7.90 -19.26
N ALA B 352 -13.95 8.91 -18.41
CA ALA B 352 -15.22 9.66 -18.40
C ALA B 352 -15.21 10.76 -19.47
N GLN B 353 -15.23 10.35 -20.73
CA GLN B 353 -15.31 11.26 -21.88
C GLN B 353 -16.29 10.56 -22.80
N PRO B 354 -17.31 11.29 -23.29
CA PRO B 354 -18.36 10.68 -24.06
C PRO B 354 -17.90 9.82 -25.26
N ILE B 355 -16.77 10.14 -25.89
CA ILE B 355 -16.34 9.32 -27.02
C ILE B 355 -16.04 7.84 -26.63
N TYR B 356 -15.57 7.65 -25.38
CA TYR B 356 -15.37 6.29 -24.88
C TYR B 356 -16.65 5.51 -24.68
N ALA B 357 -17.78 6.21 -24.45
CA ALA B 357 -19.10 5.50 -24.43
C ALA B 357 -19.37 4.93 -25.82
N ILE B 358 -18.93 5.65 -26.85
CA ILE B 358 -19.22 5.24 -28.26
C ILE B 358 -18.44 3.99 -28.58
N ALA B 359 -17.14 4.02 -28.26
CA ALA B 359 -16.25 2.87 -28.38
C ALA B 359 -16.81 1.68 -27.60
N ALA B 360 -17.21 1.93 -26.35
CA ALA B 360 -17.73 0.83 -25.51
C ALA B 360 -19.00 0.24 -26.12
N LEU B 361 -19.89 1.11 -26.58
CA LEU B 361 -21.14 0.63 -27.15
C LEU B 361 -20.86 -0.28 -28.35
N THR B 362 -19.87 0.06 -29.15
CA THR B 362 -19.63 -0.67 -30.40
C THR B 362 -19.00 -2.01 -30.07
N ALA B 363 -18.05 -2.04 -29.14
CA ALA B 363 -17.42 -3.31 -28.71
C ALA B 363 -18.38 -4.28 -28.00
N LEU B 364 -19.22 -3.73 -27.10
CA LEU B 364 -20.23 -4.53 -26.40
C LEU B 364 -21.29 -5.09 -27.35
N GLY B 365 -21.84 -4.21 -28.19
CA GLY B 365 -22.79 -4.59 -29.25
C GLY B 365 -22.15 -5.59 -30.20
N GLY B 366 -20.90 -5.33 -30.61
CA GLY B 366 -20.15 -6.21 -31.49
C GLY B 366 -20.00 -7.60 -30.92
N ALA B 367 -19.58 -7.70 -29.65
CA ALA B 367 -19.45 -8.97 -28.95
C ALA B 367 -20.78 -9.73 -28.79
N MET B 368 -21.84 -8.98 -28.52
CA MET B 368 -23.18 -9.51 -28.30
C MET B 368 -23.72 -10.15 -29.60
N ASN B 369 -23.55 -9.43 -30.71
CA ASN B 369 -24.00 -9.99 -31.98
C ASN B 369 -23.16 -11.17 -32.43
N ALA B 370 -21.89 -11.22 -32.02
CA ALA B 370 -21.09 -12.42 -32.25
C ALA B 370 -21.60 -13.59 -31.39
N ALA B 371 -22.21 -13.30 -30.23
CA ALA B 371 -22.80 -14.35 -29.41
C ALA B 371 -24.17 -14.75 -29.93
N GLY B 372 -24.55 -14.22 -31.11
CA GLY B 372 -25.84 -14.55 -31.71
C GLY B 372 -26.98 -13.58 -31.48
N ARG B 373 -26.75 -12.49 -30.75
CA ARG B 373 -27.84 -11.51 -30.56
C ARG B 373 -28.04 -10.70 -31.84
N LYS B 374 -29.09 -9.91 -31.88
CA LYS B 374 -29.37 -9.21 -33.12
C LYS B 374 -29.64 -7.76 -32.76
N LEU B 375 -28.62 -7.12 -32.20
CA LEU B 375 -28.78 -5.78 -31.67
C LEU B 375 -28.74 -4.77 -32.79
N ALA B 376 -29.42 -3.66 -32.57
CA ALA B 376 -29.43 -2.52 -33.47
C ALA B 376 -28.28 -1.55 -33.11
N ILE B 377 -27.04 -1.98 -33.37
CA ILE B 377 -25.84 -1.24 -32.93
C ILE B 377 -25.81 0.21 -33.42
N GLY B 378 -26.08 0.43 -34.70
CA GLY B 378 -26.14 1.78 -35.27
C GLY B 378 -27.14 2.70 -34.58
N LYS B 379 -28.32 2.15 -34.30
CA LYS B 379 -29.35 2.83 -33.52
C LYS B 379 -28.78 3.27 -32.15
N GLY B 380 -28.08 2.33 -31.51
CA GLY B 380 -27.44 2.59 -30.24
C GLY B 380 -26.42 3.70 -30.30
N ILE B 381 -25.59 3.73 -31.34
CA ILE B 381 -24.59 4.80 -31.47
C ILE B 381 -25.27 6.13 -31.67
N GLU B 382 -26.34 6.14 -32.48
CA GLU B 382 -27.07 7.37 -32.79
C GLU B 382 -27.80 7.93 -31.58
N ALA B 383 -28.37 7.06 -30.73
CA ALA B 383 -28.97 7.50 -29.49
C ALA B 383 -27.95 8.06 -28.49
N ALA B 384 -26.76 7.47 -28.43
CA ALA B 384 -25.73 7.98 -27.51
C ALA B 384 -25.25 9.35 -28.02
N LEU B 385 -25.06 9.45 -29.34
CA LEU B 385 -24.61 10.69 -29.95
C LEU B 385 -25.70 11.80 -29.80
N ALA B 386 -26.98 11.44 -29.95
CA ALA B 386 -28.03 12.46 -29.66
C ALA B 386 -27.89 13.01 -28.23
N VAL B 387 -27.55 12.16 -27.27
CA VAL B 387 -27.40 12.64 -25.89
C VAL B 387 -26.21 13.59 -25.82
N ILE B 388 -25.12 13.21 -26.49
CA ILE B 388 -23.93 14.09 -26.49
C ILE B 388 -24.33 15.43 -27.15
N ASP B 389 -24.99 15.35 -28.31
CA ASP B 389 -25.29 16.57 -29.05
C ASP B 389 -26.32 17.46 -28.32
N ALA B 390 -27.18 16.85 -27.51
CA ALA B 390 -28.22 17.59 -26.80
C ALA B 390 -27.65 18.37 -25.62
N ASP B 391 -26.46 17.99 -25.15
CA ASP B 391 -25.96 18.51 -23.87
C ASP B 391 -25.80 20.01 -23.84
N ALA B 392 -26.70 20.62 -23.09
CA ALA B 392 -26.81 22.06 -22.92
C ALA B 392 -25.85 22.51 -21.83
S SO4 C . 14.50 2.95 9.27
O1 SO4 C . 15.62 2.40 10.04
O2 SO4 C . 13.38 3.33 10.09
O3 SO4 C . 15.00 4.17 8.65
O4 SO4 C . 14.00 1.99 8.30
S SO4 D . 13.18 27.28 3.08
O1 SO4 D . 13.28 28.38 2.13
O2 SO4 D . 14.48 27.08 3.74
O3 SO4 D . 12.16 27.58 4.07
O4 SO4 D . 12.75 26.09 2.37
S SO4 E . -7.17 -21.50 4.65
O1 SO4 E . -8.23 -22.42 4.26
O2 SO4 E . -6.15 -21.59 3.61
O3 SO4 E . -7.75 -20.14 4.65
O4 SO4 E . -6.68 -21.86 5.99
C1 GOL F . 14.53 -3.35 9.63
O1 GOL F . 14.87 -4.26 8.58
C2 GOL F . 13.25 -2.51 9.36
O2 GOL F . 12.14 -3.37 9.20
C3 GOL F . 13.37 -1.64 8.10
O3 GOL F . 14.47 -0.77 8.22
C1 GOL G . 37.05 -5.57 14.12
O1 GOL G . 36.04 -6.57 14.02
C2 GOL G . 36.64 -4.41 15.05
O2 GOL G . 37.36 -4.46 16.25
C3 GOL G . 36.95 -3.04 14.49
O3 GOL G . 36.38 -2.06 15.34
S SO4 H . -15.14 -3.51 -8.11
O1 SO4 H . -14.83 -4.67 -7.32
O2 SO4 H . -14.66 -3.75 -9.45
O3 SO4 H . -16.60 -3.35 -8.15
O4 SO4 H . -14.54 -2.33 -7.48
S SO4 I . -2.58 -15.52 -26.35
O1 SO4 I . -1.77 -14.53 -25.62
O2 SO4 I . -2.04 -15.70 -27.71
O3 SO4 I . -2.53 -16.79 -25.63
O4 SO4 I . -3.98 -15.08 -26.50
S SO4 J . -33.33 -11.10 -22.16
O1 SO4 J . -32.90 -9.69 -22.11
O2 SO4 J . -32.78 -11.74 -23.36
O3 SO4 J . -32.84 -11.78 -20.95
O4 SO4 J . -34.78 -11.18 -22.23
C1 GOL K . -17.46 0.29 -3.61
O1 GOL K . -17.27 1.69 -3.62
C2 GOL K . -16.07 -0.39 -3.57
O2 GOL K . -15.43 -0.12 -2.34
C3 GOL K . -15.20 0.11 -4.72
O3 GOL K . -15.73 -0.32 -5.97
C1 GOL L . -37.03 6.22 -14.01
O1 GOL L . -35.85 6.65 -13.36
C2 GOL L . -36.85 4.78 -14.51
O2 GOL L . -38.01 4.00 -14.39
C3 GOL L . -36.51 4.78 -15.98
O3 GOL L . -37.01 3.55 -16.42
#